data_6FU6
#
_entry.id   6FU6
#
_cell.length_a   54.660
_cell.length_b   81.160
_cell.length_c   70.660
_cell.angle_alpha   90.00
_cell.angle_beta   94.83
_cell.angle_gamma   90.00
#
_symmetry.space_group_name_H-M   'P 1 21 1'
#
loop_
_entity.id
_entity.type
_entity.pdbx_description
1 polymer 'Parathion hydrolase'
2 non-polymer 'FORMIC ACID'
3 non-polymer 'ZINC ION'
4 non-polymer 'POLYACRYLIC ACID'
5 water water
#
_entity_poly.entity_id   1
_entity_poly.type   'polypeptide(L)'
_entity_poly.pdbx_seq_one_letter_code
;GDRINTVRGPITISEAGFTLTHEHICGSSAGFLRAWPEFFGSRAALVEKAVRGLRRARAAGVRTIVDVSTFDIGRDVSLL
AEVSRAADVHIVAATGLWEDPPLSMRLRSVEELTQFFLREIQYGIEDTGIRAGIIKVATNGKATPFQELVLRAAARASLA
TGVPVTTHTAASQRDGEQQAAIFESEGLSPSRVCIGHSDDTDDLSYLTALAARGYLIGLDGIPHSAIGLEDNASASALLG
NRSWQTRALLIKALIDQGYMKQILVSNDWLFGFSSYVTNIMDVMDSVNPDGMAFIPLRVIPFLREKGVSQETLAGITVTN
PARFLSPTLRAS
;
_entity_poly.pdbx_strand_id   A,B
#
loop_
_chem_comp.id
_chem_comp.type
_chem_comp.name
_chem_comp.formula
FMT non-polymer 'FORMIC ACID' 'C H2 O2'
TA8 non-polymer 'POLYACRYLIC ACID' 'C12 H18 O8'
ZN non-polymer 'ZINC ION' 'Zn 2'
#
# COMPACT_ATOMS: atom_id res chain seq x y z
N ASP A 2 23.37 0.30 25.19
CA ASP A 2 23.44 -1.12 25.67
C ASP A 2 22.49 -2.07 24.91
N ARG A 3 21.36 -1.58 24.42
CA ARG A 3 20.26 -2.39 23.94
C ARG A 3 19.89 -2.09 22.52
N ILE A 4 19.55 -3.16 21.79
CA ILE A 4 19.07 -3.09 20.41
C ILE A 4 17.64 -3.64 20.43
N ASN A 5 16.70 -2.94 19.85
CA ASN A 5 15.33 -3.51 19.69
C ASN A 5 15.25 -4.59 18.60
N THR A 6 14.68 -5.75 18.94
CA THR A 6 14.42 -6.80 17.97
C THR A 6 12.95 -7.11 18.04
N VAL A 7 12.50 -7.95 17.12
CA VAL A 7 11.10 -8.35 17.08
C VAL A 7 10.67 -9.20 18.27
N ARG A 8 11.62 -9.71 19.02
CA ARG A 8 11.35 -10.36 20.26
C ARG A 8 11.61 -9.49 21.49
N GLY A 9 11.89 -8.21 21.34
CA GLY A 9 12.22 -7.35 22.48
C GLY A 9 13.66 -6.90 22.45
N PRO A 10 14.09 -6.19 23.51
CA PRO A 10 15.44 -5.70 23.57
C PRO A 10 16.47 -6.80 23.82
N ILE A 11 17.64 -6.69 23.22
CA ILE A 11 18.76 -7.59 23.45
C ILE A 11 19.95 -6.71 23.77
N THR A 12 20.92 -7.28 24.47
CA THR A 12 22.20 -6.58 24.61
C THR A 12 23.05 -6.73 23.35
N ILE A 13 24.01 -5.82 23.24
CA ILE A 13 24.83 -5.66 22.06
C ILE A 13 25.53 -6.94 21.75
N SER A 14 26.14 -7.49 22.79
CA SER A 14 26.84 -8.74 22.71
C SER A 14 25.97 -9.92 22.27
N GLU A 15 24.65 -9.89 22.43
CA GLU A 15 23.80 -11.00 21.95
C GLU A 15 23.58 -11.01 20.43
N ALA A 16 23.90 -9.92 19.77
CA ALA A 16 23.66 -9.84 18.34
C ALA A 16 24.56 -10.78 17.53
N GLY A 17 25.85 -10.90 17.88
CA GLY A 17 26.74 -11.81 17.20
C GLY A 17 26.83 -11.53 15.67
N PHE A 18 27.03 -12.58 14.88
CA PHE A 18 27.17 -12.46 13.46
C PHE A 18 25.85 -11.91 12.91
N THR A 19 25.89 -10.71 12.35
CA THR A 19 24.71 -10.02 11.89
C THR A 19 24.73 -9.71 10.38
N LEU A 20 23.69 -10.10 9.66
CA LEU A 20 23.41 -9.68 8.27
C LEU A 20 22.58 -8.38 8.30
N THR A 21 23.12 -7.28 7.80
CA THR A 21 22.55 -5.99 8.06
C THR A 21 21.59 -5.49 7.02
N HIS A 22 21.29 -6.28 5.99
CA HIS A 22 20.32 -5.86 4.96
C HIS A 22 19.72 -7.13 4.38
N GLU A 23 18.53 -7.51 4.89
CA GLU A 23 17.81 -8.71 4.51
C GLU A 23 16.32 -8.43 4.51
N HIS A 24 15.55 -9.34 3.94
CA HIS A 24 14.06 -9.26 3.98
C HIS A 24 13.47 -10.66 4.21
N ILE A 25 12.50 -10.79 5.13
CA ILE A 25 11.76 -11.99 5.17
C ILE A 25 10.90 -12.08 3.91
N CYS A 26 10.24 -10.97 3.57
CA CYS A 26 9.35 -10.95 2.40
C CYS A 26 9.34 -9.60 1.74
N GLY A 27 9.63 -9.55 0.45
CA GLY A 27 9.64 -8.29 -0.27
C GLY A 27 8.28 -8.12 -0.88
N SER A 28 7.46 -7.22 -0.34
CA SER A 28 6.07 -7.12 -0.81
C SER A 28 5.62 -5.68 -0.78
N SER A 29 4.35 -5.46 -0.39
CA SER A 29 3.74 -4.13 -0.37
C SER A 29 2.79 -4.05 0.83
N ALA A 30 2.59 -2.83 1.36
CA ALA A 30 1.69 -2.60 2.51
C ALA A 30 0.37 -3.29 2.26
N GLY A 31 -0.02 -4.09 3.23
CA GLY A 31 -1.29 -4.82 3.21
C GLY A 31 -1.42 -6.09 2.36
N PHE A 32 -0.43 -6.34 1.50
CA PHE A 32 -0.56 -7.36 0.46
C PHE A 32 -0.55 -8.77 0.99
N LEU A 33 0.40 -9.04 1.87
CA LEU A 33 0.49 -10.38 2.50
C LEU A 33 -0.81 -10.81 3.21
N ARG A 34 -1.46 -9.87 3.89
CA ARG A 34 -2.73 -10.17 4.52
C ARG A 34 -3.90 -10.31 3.55
N ALA A 35 -3.90 -9.51 2.48
CA ALA A 35 -5.00 -9.53 1.54
C ALA A 35 -4.89 -10.69 0.51
N TRP A 36 -3.66 -11.15 0.21
CA TRP A 36 -3.45 -12.16 -0.80
C TRP A 36 -2.26 -13.12 -0.48
N PRO A 37 -2.34 -13.81 0.68
CA PRO A 37 -1.33 -14.76 1.11
C PRO A 37 -1.14 -15.90 0.10
N GLU A 38 -2.17 -16.23 -0.69
CA GLU A 38 -2.05 -17.33 -1.68
C GLU A 38 -1.13 -16.96 -2.78
N PHE A 39 -0.80 -15.66 -2.95
CA PHE A 39 0.28 -15.30 -3.89
C PHE A 39 1.58 -16.04 -3.50
N PHE A 40 1.77 -16.27 -2.22
CA PHE A 40 2.94 -16.94 -1.73
C PHE A 40 2.70 -18.46 -1.44
N GLY A 41 1.68 -19.04 -2.05
CA GLY A 41 1.22 -20.37 -1.72
C GLY A 41 0.23 -20.26 -0.56
N SER A 42 0.73 -19.90 0.62
CA SER A 42 -0.11 -19.61 1.74
C SER A 42 0.78 -18.90 2.72
N ARG A 43 0.18 -18.28 3.73
CA ARG A 43 0.94 -17.68 4.82
C ARG A 43 1.78 -18.75 5.53
N ALA A 44 1.17 -19.91 5.78
CA ALA A 44 1.87 -21.00 6.42
C ALA A 44 3.09 -21.48 5.63
N ALA A 45 2.96 -21.55 4.31
CA ALA A 45 4.07 -21.96 3.49
C ALA A 45 5.27 -20.95 3.50
N LEU A 46 4.92 -19.67 3.55
CA LEU A 46 5.90 -18.58 3.59
C LEU A 46 6.61 -18.68 4.89
N VAL A 47 5.83 -18.90 5.96
CA VAL A 47 6.44 -19.05 7.29
C VAL A 47 7.44 -20.19 7.26
N GLU A 48 7.00 -21.33 6.74
CA GLU A 48 7.81 -22.53 6.81
C GLU A 48 9.07 -22.33 5.95
N LYS A 49 8.89 -21.77 4.76
CA LYS A 49 10.06 -21.42 3.93
C LYS A 49 11.07 -20.53 4.65
N ALA A 50 10.57 -19.43 5.21
CA ALA A 50 11.48 -18.53 5.92
C ALA A 50 12.13 -19.17 7.14
N VAL A 51 11.42 -19.96 7.93
CA VAL A 51 12.05 -20.58 9.09
C VAL A 51 13.15 -21.56 8.65
N ARG A 52 12.91 -22.36 7.61
CA ARG A 52 13.95 -23.25 7.16
C ARG A 52 15.18 -22.46 6.71
N GLY A 53 14.93 -21.39 5.95
CA GLY A 53 15.98 -20.52 5.41
C GLY A 53 16.79 -19.86 6.51
N LEU A 54 16.10 -19.37 7.54
CA LEU A 54 16.80 -18.75 8.70
C LEU A 54 17.49 -19.78 9.55
N ARG A 55 16.94 -20.99 9.69
CA ARG A 55 17.63 -22.04 10.36
C ARG A 55 18.96 -22.44 9.68
N ARG A 56 18.92 -22.49 8.36
CA ARG A 56 20.12 -22.78 7.55
C ARG A 56 21.15 -21.68 7.80
N ALA A 57 20.71 -20.41 7.83
CA ALA A 57 21.67 -19.35 8.05
C ALA A 57 22.23 -19.46 9.46
N ARG A 58 21.38 -19.83 10.40
CA ARG A 58 21.81 -19.94 11.78
C ARG A 58 22.87 -21.05 11.94
N ALA A 59 22.62 -22.20 11.31
CA ALA A 59 23.60 -23.30 11.36
C ALA A 59 24.95 -22.87 10.75
N ALA A 60 24.92 -21.93 9.77
CA ALA A 60 26.12 -21.39 9.14
C ALA A 60 26.78 -20.31 10.00
N GLY A 61 26.13 -19.91 11.09
CA GLY A 61 26.70 -19.01 12.07
C GLY A 61 26.02 -17.64 12.21
N VAL A 62 24.99 -17.36 11.43
CA VAL A 62 24.24 -16.09 11.59
C VAL A 62 23.42 -16.11 12.89
N ARG A 63 23.52 -15.06 13.66
CA ARG A 63 22.75 -14.91 14.90
C ARG A 63 21.66 -13.83 14.83
N THR A 64 21.86 -12.84 13.96
CA THR A 64 20.93 -11.72 13.80
C THR A 64 20.83 -11.37 12.30
N ILE A 65 19.64 -10.99 11.87
CA ILE A 65 19.51 -10.29 10.60
C ILE A 65 18.78 -8.97 10.87
N VAL A 66 19.01 -8.00 10.03
CA VAL A 66 18.23 -6.78 10.02
C VAL A 66 17.32 -6.82 8.82
N ASP A 67 16.02 -6.89 9.08
CA ASP A 67 15.05 -6.89 8.03
C ASP A 67 14.77 -5.43 7.73
N VAL A 68 15.28 -4.98 6.57
CA VAL A 68 15.13 -3.57 6.16
C VAL A 68 13.87 -3.32 5.35
N SER A 69 12.83 -4.13 5.57
CA SER A 69 11.54 -3.94 4.94
C SER A 69 10.81 -2.81 5.72
N THR A 70 10.43 -1.78 4.99
CA THR A 70 9.62 -0.69 5.47
C THR A 70 8.16 -1.00 5.35
N PHE A 71 7.34 -0.09 5.84
CA PHE A 71 5.94 -0.10 5.57
C PHE A 71 5.58 -0.42 4.12
N ASP A 72 6.21 0.29 3.16
CA ASP A 72 5.88 0.14 1.74
C ASP A 72 6.52 -1.08 1.02
N ILE A 73 7.46 -1.71 1.72
CA ILE A 73 7.93 -3.07 1.38
C ILE A 73 7.00 -4.16 1.98
N GLY A 74 5.97 -3.74 2.67
CA GLY A 74 4.92 -4.68 3.14
C GLY A 74 5.32 -5.41 4.35
N ARG A 75 6.28 -4.82 5.05
CA ARG A 75 6.77 -5.31 6.32
C ARG A 75 5.56 -5.75 7.14
N ASP A 76 5.59 -7.00 7.58
CA ASP A 76 4.63 -7.60 8.52
C ASP A 76 5.43 -8.03 9.76
N VAL A 77 5.45 -7.18 10.80
CA VAL A 77 6.27 -7.48 11.96
C VAL A 77 5.83 -8.72 12.71
N SER A 78 4.53 -9.03 12.68
N SER A 78 4.53 -9.03 12.68
CA SER A 78 4.05 -10.29 13.25
CA SER A 78 4.01 -10.30 13.22
C SER A 78 4.59 -11.51 12.51
C SER A 78 4.61 -11.51 12.51
N LEU A 79 4.80 -11.40 11.20
CA LEU A 79 5.52 -12.41 10.45
C LEU A 79 7.00 -12.51 10.90
N LEU A 80 7.68 -11.34 10.97
CA LEU A 80 9.06 -11.29 11.45
C LEU A 80 9.18 -11.96 12.83
N ALA A 81 8.22 -11.67 13.72
CA ALA A 81 8.28 -12.21 15.06
C ALA A 81 8.19 -13.71 15.05
N GLU A 82 7.20 -14.22 14.32
CA GLU A 82 7.01 -15.66 14.19
C GLU A 82 8.23 -16.37 13.65
N VAL A 83 8.82 -15.82 12.58
CA VAL A 83 9.95 -16.54 11.96
C VAL A 83 11.21 -16.45 12.84
N SER A 84 11.42 -15.29 13.45
CA SER A 84 12.51 -15.10 14.40
C SER A 84 12.49 -16.15 15.55
N ARG A 85 11.33 -16.25 16.16
CA ARG A 85 11.09 -17.17 17.30
C ARG A 85 11.36 -18.62 16.90
N ALA A 86 10.89 -19.02 15.73
CA ALA A 86 10.98 -20.41 15.25
C ALA A 86 12.28 -20.79 14.62
N ALA A 87 13.14 -19.82 14.33
CA ALA A 87 14.43 -20.06 13.78
C ALA A 87 15.53 -19.69 14.78
N ASP A 88 15.14 -19.14 15.95
CA ASP A 88 16.07 -18.59 16.96
C ASP A 88 17.19 -17.73 16.31
N VAL A 89 16.74 -16.79 15.49
CA VAL A 89 17.57 -15.79 14.88
C VAL A 89 16.97 -14.43 15.27
N HIS A 90 17.76 -13.55 15.85
CA HIS A 90 17.28 -12.25 16.18
C HIS A 90 16.92 -11.56 14.86
N ILE A 91 15.84 -10.78 14.89
CA ILE A 91 15.51 -9.92 13.71
C ILE A 91 15.29 -8.49 14.21
N VAL A 92 16.02 -7.57 13.57
CA VAL A 92 15.80 -6.16 13.82
C VAL A 92 14.87 -5.63 12.74
N ALA A 93 13.79 -4.94 13.13
CA ALA A 93 12.82 -4.42 12.15
C ALA A 93 13.17 -2.97 11.84
N ALA A 94 12.59 -2.50 10.74
CA ALA A 94 12.86 -1.15 10.22
C ALA A 94 11.66 -0.28 10.19
N THR A 95 11.87 1.05 10.35
CA THR A 95 10.94 2.04 9.92
C THR A 95 11.52 2.74 8.69
N GLY A 96 10.91 3.85 8.26
CA GLY A 96 11.33 4.55 7.04
C GLY A 96 10.39 4.35 5.91
N LEU A 97 10.83 4.74 4.72
CA LEU A 97 10.10 4.42 3.52
C LEU A 97 11.05 4.15 2.34
N TRP A 98 10.59 3.27 1.46
CA TRP A 98 11.33 2.81 0.35
C TRP A 98 10.69 3.52 -0.88
N GLU A 99 10.80 2.93 -2.06
CA GLU A 99 10.44 3.57 -3.27
C GLU A 99 8.97 3.42 -3.71
N ASP A 100 8.07 2.84 -2.88
CA ASP A 100 6.66 2.64 -3.31
C ASP A 100 5.67 3.11 -2.25
N PRO A 101 5.83 4.36 -1.78
CA PRO A 101 4.89 4.89 -0.78
C PRO A 101 3.54 5.13 -1.38
N PRO A 102 2.48 4.81 -0.65
CA PRO A 102 1.11 5.13 -1.18
C PRO A 102 0.77 6.60 -0.96
N LEU A 103 -0.36 7.06 -1.49
CA LEU A 103 -0.75 8.43 -1.36
C LEU A 103 -0.74 8.91 0.09
N SER A 104 -1.23 8.10 1.02
CA SER A 104 -1.34 8.49 2.43
C SER A 104 0.02 8.78 3.10
N MET A 105 1.10 8.24 2.54
CA MET A 105 2.46 8.63 2.89
C MET A 105 3.04 9.80 2.06
N ARG A 106 2.87 9.73 0.74
CA ARG A 106 3.38 10.74 -0.23
C ARG A 106 2.82 12.12 -0.04
N LEU A 107 1.66 12.25 0.58
CA LEU A 107 1.06 13.57 0.84
C LEU A 107 1.57 14.21 2.16
N ARG A 108 2.39 13.51 2.92
CA ARG A 108 2.80 13.99 4.27
C ARG A 108 4.03 14.92 4.22
N SER A 109 4.08 15.80 5.19
CA SER A 109 5.18 16.79 5.32
C SER A 109 6.36 16.12 6.03
N VAL A 110 7.51 16.78 6.02
CA VAL A 110 8.66 16.26 6.77
C VAL A 110 8.36 16.07 8.27
N GLU A 111 7.57 16.96 8.85
CA GLU A 111 7.20 16.87 10.25
C GLU A 111 6.30 15.66 10.50
N GLU A 112 5.35 15.44 9.61
CA GLU A 112 4.44 14.25 9.74
C GLU A 112 5.22 12.92 9.68
N LEU A 113 6.10 12.81 8.66
CA LEU A 113 6.92 11.65 8.43
C LEU A 113 7.86 11.42 9.58
N THR A 114 8.47 12.50 10.14
CA THR A 114 9.27 12.35 11.31
C THR A 114 8.46 11.69 12.41
N GLN A 115 7.20 12.14 12.58
CA GLN A 115 6.33 11.63 13.67
C GLN A 115 6.03 10.15 13.45
N PHE A 116 5.84 9.77 12.21
CA PHE A 116 5.62 8.35 11.88
C PHE A 116 6.86 7.48 12.18
N PHE A 117 8.04 7.94 11.77
CA PHE A 117 9.25 7.14 12.02
C PHE A 117 9.48 7.05 13.52
N LEU A 118 9.28 8.15 14.22
CA LEU A 118 9.45 8.16 15.66
C LEU A 118 8.46 7.23 16.31
N ARG A 119 7.23 7.16 15.82
CA ARG A 119 6.27 6.28 16.43
C ARG A 119 6.75 4.79 16.37
N GLU A 120 7.24 4.42 15.20
CA GLU A 120 7.66 3.03 14.97
C GLU A 120 8.90 2.66 15.78
N ILE A 121 9.72 3.67 16.12
CA ILE A 121 10.92 3.41 16.90
C ILE A 121 10.65 3.44 18.40
N GLN A 122 9.90 4.43 18.82
CA GLN A 122 9.68 4.75 20.26
C GLN A 122 8.46 4.06 20.87
N TYR A 123 7.41 3.89 20.07
CA TYR A 123 6.13 3.37 20.54
C TYR A 123 5.95 1.91 20.11
N GLY A 124 6.02 1.68 18.79
CA GLY A 124 5.86 0.31 18.28
C GLY A 124 5.33 0.41 16.87
N ILE A 125 5.44 -0.67 16.15
CA ILE A 125 4.84 -0.87 14.86
C ILE A 125 3.44 -1.44 15.03
N GLU A 126 2.52 -0.76 14.34
CA GLU A 126 1.11 -1.11 14.34
C GLU A 126 0.69 -1.21 15.80
N ASP A 127 -0.03 -2.26 16.15
CA ASP A 127 -0.44 -2.42 17.54
C ASP A 127 0.39 -3.52 18.25
N THR A 128 1.56 -3.89 17.74
CA THR A 128 2.31 -5.04 18.25
C THR A 128 3.25 -4.76 19.38
N GLY A 129 3.56 -3.50 19.67
CA GLY A 129 4.61 -3.18 20.63
C GLY A 129 6.03 -3.48 20.19
N ILE A 130 6.24 -3.95 18.96
CA ILE A 130 7.56 -4.22 18.45
C ILE A 130 8.08 -2.91 17.90
N ARG A 131 9.28 -2.53 18.34
CA ARG A 131 9.88 -1.27 17.94
C ARG A 131 10.99 -1.46 16.93
N ALA A 132 11.04 -0.53 15.98
CA ALA A 132 12.06 -0.55 14.97
C ALA A 132 13.43 -0.24 15.55
N GLY A 133 14.44 -0.90 15.00
CA GLY A 133 15.81 -0.60 15.33
C GLY A 133 16.70 0.06 14.29
N ILE A 134 16.09 0.50 13.20
CA ILE A 134 16.81 1.05 12.07
C ILE A 134 15.81 1.80 11.21
N ILE A 135 16.31 2.78 10.47
CA ILE A 135 15.46 3.54 9.54
C ILE A 135 15.99 3.34 8.15
N LYS A 136 15.12 2.91 7.24
CA LYS A 136 15.48 2.62 5.85
C LYS A 136 14.91 3.69 4.92
N VAL A 137 15.75 4.16 3.99
CA VAL A 137 15.34 5.18 2.99
C VAL A 137 15.87 4.77 1.64
N ALA A 138 15.43 5.50 0.60
CA ALA A 138 15.72 5.09 -0.78
C ALA A 138 15.74 6.24 -1.75
N THR A 139 16.70 6.17 -2.69
CA THR A 139 16.62 6.94 -3.92
C THR A 139 17.01 6.01 -5.06
N ASN A 140 16.62 6.37 -6.27
CA ASN A 140 17.07 5.72 -7.48
C ASN A 140 17.47 6.77 -8.48
N GLY A 141 18.69 7.25 -8.31
CA GLY A 141 19.18 8.48 -8.94
C GLY A 141 18.77 9.68 -8.13
N LYS A 142 18.70 10.86 -8.76
CA LYS A 142 18.38 12.10 -8.07
C LYS A 142 17.10 11.94 -7.22
N ALA A 143 17.14 12.42 -6.00
CA ALA A 143 15.98 12.25 -5.15
C ALA A 143 14.76 13.02 -5.72
N THR A 144 13.59 12.40 -5.72
CA THR A 144 12.36 13.13 -5.92
C THR A 144 12.17 14.10 -4.75
N PRO A 145 11.32 15.09 -4.90
CA PRO A 145 11.00 15.94 -3.73
C PRO A 145 10.52 15.17 -2.50
N PHE A 146 9.69 14.16 -2.68
CA PHE A 146 9.23 13.37 -1.54
C PHE A 146 10.40 12.61 -0.89
N GLN A 147 11.27 12.02 -1.69
CA GLN A 147 12.46 11.33 -1.14
C GLN A 147 13.36 12.27 -0.35
N GLU A 148 13.48 13.53 -0.81
CA GLU A 148 14.16 14.51 0.05
C GLU A 148 13.51 14.66 1.41
N LEU A 149 12.18 14.74 1.46
CA LEU A 149 11.49 14.78 2.75
C LEU A 149 11.79 13.56 3.64
N VAL A 150 11.77 12.39 3.02
CA VAL A 150 12.00 11.13 3.74
C VAL A 150 13.42 11.10 4.31
N LEU A 151 14.40 11.46 3.50
CA LEU A 151 15.81 11.58 3.98
C LEU A 151 15.94 12.51 5.21
N ARG A 152 15.28 13.66 5.16
CA ARG A 152 15.36 14.63 6.23
C ARG A 152 14.65 14.10 7.49
N ALA A 153 13.47 13.47 7.31
CA ALA A 153 12.71 12.89 8.46
C ALA A 153 13.48 11.74 9.10
N ALA A 154 14.10 10.90 8.26
CA ALA A 154 15.00 9.88 8.76
C ALA A 154 16.15 10.44 9.60
N ALA A 155 16.82 11.49 9.10
CA ALA A 155 17.92 12.13 9.90
C ALA A 155 17.40 12.64 11.26
N ARG A 156 16.28 13.31 11.22
CA ARG A 156 15.65 13.86 12.44
C ARG A 156 15.27 12.75 13.39
N ALA A 157 14.67 11.67 12.86
CA ALA A 157 14.33 10.55 13.73
C ALA A 157 15.54 9.88 14.33
N SER A 158 16.62 9.73 13.53
CA SER A 158 17.88 9.18 14.02
C SER A 158 18.47 10.08 15.10
N LEU A 159 18.47 11.39 14.85
CA LEU A 159 19.05 12.31 15.81
C LEU A 159 18.30 12.26 17.13
N ALA A 160 16.99 12.09 17.10
CA ALA A 160 16.22 11.98 18.35
C ALA A 160 16.38 10.65 19.12
N THR A 161 16.72 9.55 18.46
CA THR A 161 16.66 8.22 19.06
C THR A 161 18.02 7.52 19.13
N GLY A 162 18.99 7.96 18.35
CA GLY A 162 20.22 7.20 18.18
C GLY A 162 20.14 6.01 17.21
N VAL A 163 18.98 5.66 16.63
CA VAL A 163 18.98 4.48 15.78
C VAL A 163 19.57 4.89 14.41
N PRO A 164 20.26 3.97 13.74
CA PRO A 164 20.93 4.33 12.54
C PRO A 164 20.01 4.35 11.32
N VAL A 165 20.58 4.84 10.22
CA VAL A 165 19.89 5.03 8.98
C VAL A 165 20.61 4.15 7.96
N THR A 166 19.85 3.46 7.10
CA THR A 166 20.41 2.61 6.08
C THR A 166 19.68 2.92 4.80
N THR A 167 20.39 2.87 3.70
CA THR A 167 19.87 3.38 2.48
C THR A 167 19.89 2.37 1.30
N HIS A 168 18.90 2.53 0.41
CA HIS A 168 18.83 1.98 -0.94
C HIS A 168 19.41 3.08 -1.87
N THR A 169 20.28 2.70 -2.78
CA THR A 169 20.79 3.59 -3.85
C THR A 169 20.68 2.99 -5.20
N ALA A 170 20.70 3.84 -6.22
CA ALA A 170 21.24 3.44 -7.55
C ALA A 170 22.72 3.76 -7.47
N ALA A 171 23.54 2.77 -7.08
CA ALA A 171 24.96 3.01 -6.79
C ALA A 171 25.72 3.61 -7.98
N SER A 172 25.34 3.20 -9.18
CA SER A 172 26.03 3.66 -10.35
C SER A 172 25.71 5.14 -10.67
N GLN A 173 24.67 5.69 -10.09
CA GLN A 173 24.42 7.11 -10.14
C GLN A 173 24.97 7.86 -8.91
N ARG A 174 25.74 7.15 -8.09
N ARG A 174 25.78 7.19 -8.10
CA ARG A 174 26.48 7.71 -6.97
CA ARG A 174 26.50 7.79 -6.98
C ARG A 174 25.55 8.40 -5.99
C ARG A 174 25.55 8.41 -5.98
N ASP A 175 24.36 7.81 -5.82
CA ASP A 175 23.30 8.42 -4.97
C ASP A 175 23.80 8.68 -3.58
N GLY A 176 24.73 7.88 -3.07
CA GLY A 176 25.23 8.11 -1.71
C GLY A 176 25.75 9.54 -1.49
N GLU A 177 26.29 10.17 -2.53
CA GLU A 177 26.77 11.57 -2.38
C GLU A 177 25.65 12.56 -2.07
N GLN A 178 24.51 12.43 -2.76
CA GLN A 178 23.37 13.32 -2.52
C GLN A 178 22.72 12.98 -1.18
N GLN A 179 22.61 11.68 -0.91
CA GLN A 179 22.12 11.23 0.38
C GLN A 179 22.95 11.81 1.48
N ALA A 180 24.28 11.69 1.39
CA ALA A 180 25.19 12.23 2.38
C ALA A 180 25.00 13.76 2.51
N ALA A 181 24.86 14.44 1.38
CA ALA A 181 24.66 15.91 1.42
C ALA A 181 23.44 16.32 2.20
N ILE A 182 22.35 15.59 1.99
CA ILE A 182 21.11 15.88 2.66
C ILE A 182 21.23 15.53 4.17
N PHE A 183 21.73 14.38 4.48
CA PHE A 183 21.96 13.99 5.88
C PHE A 183 22.80 15.00 6.68
N GLU A 184 23.90 15.48 6.09
CA GLU A 184 24.83 16.41 6.74
C GLU A 184 24.20 17.78 6.90
N SER A 185 23.29 18.16 5.99
CA SER A 185 22.53 19.40 6.13
C SER A 185 21.54 19.32 7.30
N GLU A 186 21.15 18.12 7.71
CA GLU A 186 20.43 17.91 8.98
C GLU A 186 21.29 17.67 10.25
N GLY A 187 22.61 17.69 10.14
CA GLY A 187 23.51 17.48 11.26
C GLY A 187 23.72 16.06 11.67
N LEU A 188 23.35 15.12 10.78
CA LEU A 188 23.53 13.71 11.06
C LEU A 188 24.98 13.32 10.88
N SER A 189 25.46 12.52 11.81
CA SER A 189 26.79 11.99 11.72
C SER A 189 26.87 10.88 10.69
N PRO A 190 27.89 10.97 9.80
CA PRO A 190 28.08 9.83 8.84
C PRO A 190 28.17 8.42 9.45
N SER A 191 28.68 8.32 10.67
CA SER A 191 28.83 7.03 11.33
C SER A 191 27.48 6.40 11.72
N ARG A 192 26.41 7.16 11.63
CA ARG A 192 25.08 6.62 11.79
C ARG A 192 24.40 6.21 10.51
N VAL A 193 25.12 6.19 9.39
CA VAL A 193 24.54 6.01 8.06
C VAL A 193 25.30 4.93 7.29
N CYS A 194 24.55 3.98 6.77
CA CYS A 194 25.04 2.96 5.81
C CYS A 194 24.46 3.21 4.44
N ILE A 195 25.37 3.42 3.48
CA ILE A 195 25.02 3.68 2.09
C ILE A 195 25.00 2.29 1.44
N GLY A 196 23.78 1.85 1.13
CA GLY A 196 23.53 0.42 0.82
C GLY A 196 23.52 0.26 -0.68
N HIS A 197 23.39 -0.99 -1.12
CA HIS A 197 23.55 -1.43 -2.52
C HIS A 197 24.84 -0.93 -3.17
N SER A 198 25.86 -0.77 -2.34
CA SER A 198 27.12 -0.13 -2.80
C SER A 198 27.94 -1.18 -3.60
N ASP A 199 27.62 -2.47 -3.42
CA ASP A 199 28.22 -3.47 -4.33
C ASP A 199 27.66 -3.52 -5.74
N ASP A 200 26.64 -2.71 -6.04
CA ASP A 200 26.07 -2.64 -7.38
C ASP A 200 26.96 -1.88 -8.35
N THR A 201 28.01 -1.22 -7.87
CA THR A 201 28.90 -0.43 -8.74
C THR A 201 30.32 -0.98 -8.63
N ASP A 202 31.11 -0.75 -9.68
CA ASP A 202 32.51 -1.11 -9.58
C ASP A 202 33.37 0.15 -9.32
N ASP A 203 32.76 1.31 -9.11
CA ASP A 203 33.49 2.55 -8.94
C ASP A 203 34.02 2.63 -7.49
N LEU A 204 35.20 2.10 -7.29
CA LEU A 204 35.81 2.07 -5.96
C LEU A 204 36.09 3.45 -5.42
N SER A 205 36.49 4.40 -6.26
CA SER A 205 36.74 5.80 -5.82
C SER A 205 35.47 6.53 -5.23
N TYR A 206 34.28 6.20 -5.77
CA TYR A 206 32.98 6.58 -5.16
C TYR A 206 32.84 6.09 -3.74
N LEU A 207 33.06 4.79 -3.57
CA LEU A 207 32.94 4.18 -2.26
C LEU A 207 33.97 4.67 -1.27
N THR A 208 35.25 4.80 -1.67
CA THR A 208 36.32 5.17 -0.76
C THR A 208 36.18 6.62 -0.32
N ALA A 209 35.75 7.53 -1.20
CA ALA A 209 35.46 8.96 -0.83
C ALA A 209 34.35 9.04 0.23
N LEU A 210 33.29 8.25 0.05
CA LEU A 210 32.22 8.22 1.06
C LEU A 210 32.76 7.67 2.40
N ALA A 211 33.49 6.57 2.32
CA ALA A 211 34.09 5.91 3.50
C ALA A 211 35.08 6.85 4.20
N ALA A 212 35.85 7.63 3.40
CA ALA A 212 36.77 8.64 3.98
C ALA A 212 36.07 9.79 4.71
N ARG A 213 34.76 9.97 4.49
CA ARG A 213 33.94 10.96 5.26
C ARG A 213 33.26 10.31 6.44
N GLY A 214 33.47 9.01 6.61
CA GLY A 214 32.96 8.29 7.84
C GLY A 214 31.69 7.46 7.64
N TYR A 215 31.19 7.40 6.41
CA TYR A 215 30.02 6.58 6.10
C TYR A 215 30.34 5.09 6.16
N LEU A 216 29.34 4.30 6.55
CA LEU A 216 29.42 2.84 6.38
C LEU A 216 28.97 2.49 4.98
N ILE A 217 29.60 1.48 4.42
CA ILE A 217 29.44 1.06 3.09
C ILE A 217 28.78 -0.34 3.08
N GLY A 218 27.54 -0.37 2.60
CA GLY A 218 26.73 -1.56 2.50
C GLY A 218 26.95 -2.37 1.24
N LEU A 219 27.75 -3.46 1.36
CA LEU A 219 28.00 -4.36 0.26
C LEU A 219 27.03 -5.50 0.54
N ASP A 220 25.79 -5.31 0.09
CA ASP A 220 24.65 -6.03 0.65
C ASP A 220 23.91 -6.91 -0.30
N GLY A 221 24.37 -7.01 -1.56
CA GLY A 221 23.73 -7.86 -2.56
C GLY A 221 24.68 -8.89 -3.16
N ILE A 222 25.60 -9.47 -2.35
CA ILE A 222 26.70 -10.29 -2.90
C ILE A 222 26.23 -11.42 -3.85
N PRO A 223 25.18 -12.22 -3.44
CA PRO A 223 24.75 -13.28 -4.34
C PRO A 223 23.81 -12.86 -5.48
N HIS A 224 23.53 -11.56 -5.64
CA HIS A 224 22.64 -11.15 -6.69
C HIS A 224 23.40 -11.20 -8.03
N SER A 225 23.00 -12.11 -8.88
CA SER A 225 23.67 -12.27 -10.18
C SER A 225 22.76 -13.03 -11.15
N ALA A 226 22.68 -12.59 -12.40
CA ALA A 226 21.92 -13.27 -13.46
C ALA A 226 22.86 -13.94 -14.45
N ILE A 227 24.09 -14.19 -14.00
CA ILE A 227 25.00 -15.03 -14.81
C ILE A 227 24.35 -16.40 -14.97
N GLY A 228 24.33 -16.88 -16.21
CA GLY A 228 23.61 -18.10 -16.59
C GLY A 228 22.12 -17.87 -16.85
N LEU A 229 21.56 -16.68 -16.63
CA LEU A 229 20.13 -16.42 -16.83
C LEU A 229 19.99 -15.29 -17.84
N GLU A 230 20.87 -15.30 -18.84
CA GLU A 230 20.90 -14.27 -19.89
C GLU A 230 19.66 -14.23 -20.81
N ASP A 231 18.94 -15.32 -20.94
CA ASP A 231 17.71 -15.29 -21.75
C ASP A 231 16.51 -14.78 -20.93
N ASN A 232 16.71 -14.38 -19.66
CA ASN A 232 15.61 -13.90 -18.81
C ASN A 232 15.86 -12.40 -18.54
N ALA A 233 15.20 -11.60 -19.36
CA ALA A 233 15.28 -10.12 -19.35
C ALA A 233 14.97 -9.55 -17.95
N SER A 234 13.95 -10.08 -17.28
CA SER A 234 13.50 -9.51 -16.03
C SER A 234 14.45 -9.84 -14.85
N ALA A 235 14.82 -11.09 -14.69
CA ALA A 235 15.96 -11.46 -13.79
C ALA A 235 17.27 -10.70 -14.09
N SER A 236 17.65 -10.62 -15.36
CA SER A 236 18.91 -9.87 -15.73
C SER A 236 18.82 -8.43 -15.31
N ALA A 237 17.68 -7.77 -15.55
CA ALA A 237 17.48 -6.36 -15.20
C ALA A 237 17.60 -6.16 -13.71
N LEU A 238 16.99 -7.01 -12.94
CA LEU A 238 17.01 -6.91 -11.49
C LEU A 238 18.35 -7.34 -10.88
N LEU A 239 18.84 -8.52 -11.24
CA LEU A 239 20.07 -9.08 -10.57
C LEU A 239 21.38 -8.59 -11.13
N GLY A 240 21.40 -8.08 -12.37
CA GLY A 240 22.61 -7.63 -13.01
C GLY A 240 23.46 -8.77 -13.56
N ASN A 241 24.51 -8.41 -14.26
CA ASN A 241 25.32 -9.44 -14.89
C ASN A 241 26.74 -9.46 -14.30
N ARG A 242 26.94 -8.78 -13.17
CA ARG A 242 28.12 -8.95 -12.39
C ARG A 242 28.02 -10.17 -11.53
N SER A 243 29.14 -10.87 -11.46
CA SER A 243 29.23 -12.09 -10.72
C SER A 243 29.26 -11.80 -9.18
N TRP A 244 28.90 -12.81 -8.40
CA TRP A 244 29.03 -12.71 -6.97
C TRP A 244 30.48 -12.51 -6.60
N GLN A 245 31.41 -13.16 -7.33
CA GLN A 245 32.83 -12.98 -7.00
C GLN A 245 33.29 -11.50 -7.19
N THR A 246 32.85 -10.87 -8.27
CA THR A 246 33.07 -9.44 -8.48
C THR A 246 32.59 -8.58 -7.33
N ARG A 247 31.38 -8.86 -6.88
CA ARG A 247 30.81 -8.17 -5.74
C ARG A 247 31.62 -8.45 -4.47
N ALA A 248 31.93 -9.72 -4.20
CA ALA A 248 32.73 -10.08 -3.04
C ALA A 248 34.14 -9.46 -3.07
N LEU A 249 34.73 -9.33 -4.26
CA LEU A 249 36.09 -8.71 -4.40
C LEU A 249 36.09 -7.23 -3.95
N LEU A 250 34.95 -6.52 -4.03
CA LEU A 250 34.87 -5.16 -3.43
C LEU A 250 34.98 -5.15 -1.93
N ILE A 251 34.51 -6.24 -1.29
CA ILE A 251 34.74 -6.38 0.13
C ILE A 251 36.26 -6.37 0.38
N LYS A 252 36.96 -7.21 -0.36
CA LYS A 252 38.41 -7.30 -0.22
C LYS A 252 39.09 -5.96 -0.58
N ALA A 253 38.62 -5.30 -1.65
CA ALA A 253 39.26 -4.05 -2.11
C ALA A 253 39.10 -3.01 -0.96
N LEU A 254 37.92 -2.94 -0.34
CA LEU A 254 37.74 -1.98 0.74
C LEU A 254 38.54 -2.31 2.00
N ILE A 255 38.71 -3.61 2.32
CA ILE A 255 39.66 -4.04 3.38
C ILE A 255 41.09 -3.60 3.05
N ASP A 256 41.52 -3.89 1.81
CA ASP A 256 42.87 -3.53 1.36
C ASP A 256 43.17 -2.04 1.35
N GLN A 257 42.15 -1.22 1.18
CA GLN A 257 42.22 0.23 1.20
C GLN A 257 42.12 0.85 2.61
N GLY A 258 41.89 0.05 3.65
CA GLY A 258 41.89 0.49 5.06
C GLY A 258 40.51 0.69 5.64
N TYR A 259 39.43 0.24 4.97
CA TYR A 259 38.09 0.63 5.42
C TYR A 259 37.36 -0.55 6.11
N MET A 260 38.13 -1.53 6.64
CA MET A 260 37.49 -2.73 7.20
C MET A 260 36.47 -2.40 8.31
N LYS A 261 36.73 -1.39 9.10
CA LYS A 261 35.79 -0.99 10.16
C LYS A 261 34.47 -0.31 9.69
N GLN A 262 34.31 -0.11 8.40
CA GLN A 262 33.17 0.64 7.85
C GLN A 262 32.43 -0.18 6.83
N ILE A 263 32.77 -1.47 6.69
CA ILE A 263 32.11 -2.32 5.71
C ILE A 263 30.99 -3.09 6.44
N LEU A 264 29.82 -3.14 5.80
CA LEU A 264 28.67 -3.96 6.26
C LEU A 264 28.30 -4.88 5.11
N VAL A 265 28.27 -6.20 5.39
CA VAL A 265 28.03 -7.27 4.35
C VAL A 265 26.67 -7.96 4.51
N SER A 266 26.02 -8.20 3.39
CA SER A 266 24.72 -8.89 3.48
C SER A 266 24.39 -9.50 2.14
N ASN A 267 23.29 -10.22 2.09
CA ASN A 267 22.80 -10.90 0.89
C ASN A 267 21.70 -10.17 0.19
N ASP A 268 20.93 -9.35 0.94
CA ASP A 268 19.67 -8.78 0.42
C ASP A 268 18.78 -9.85 -0.19
N TRP A 269 18.58 -10.87 0.65
CA TRP A 269 17.80 -12.05 0.25
C TRP A 269 16.41 -11.89 0.77
N LEU A 270 15.55 -12.76 0.26
CA LEU A 270 14.16 -12.86 0.74
C LEU A 270 13.60 -14.25 0.52
N PHE A 271 12.48 -14.53 1.19
CA PHE A 271 11.78 -15.81 1.16
C PHE A 271 10.47 -15.73 0.40
N GLY A 272 9.94 -14.51 0.23
CA GLY A 272 8.85 -14.23 -0.72
C GLY A 272 9.14 -12.92 -1.41
N PHE A 273 8.56 -12.71 -2.59
CA PHE A 273 8.87 -11.50 -3.41
C PHE A 273 7.69 -11.23 -4.33
N SER A 274 6.85 -10.30 -3.95
CA SER A 274 5.62 -9.97 -4.77
C SER A 274 5.77 -8.70 -5.52
N SER A 275 6.71 -7.86 -5.15
CA SER A 275 6.81 -6.53 -5.79
C SER A 275 7.60 -6.53 -7.09
N TYR A 276 7.75 -7.70 -7.76
CA TYR A 276 8.37 -7.79 -9.08
C TYR A 276 7.60 -8.84 -9.88
N VAL A 277 8.19 -9.34 -10.95
CA VAL A 277 7.51 -10.29 -11.81
C VAL A 277 7.21 -11.57 -11.03
N THR A 278 6.22 -12.30 -11.51
CA THR A 278 5.66 -13.39 -10.75
C THR A 278 6.70 -14.47 -10.47
N ASN A 279 7.57 -14.78 -11.39
CA ASN A 279 8.38 -15.98 -11.07
C ASN A 279 9.67 -15.77 -10.22
N ILE A 280 9.92 -14.51 -9.83
CA ILE A 280 11.25 -14.13 -9.55
C ILE A 280 11.84 -14.87 -8.35
N MET A 281 11.03 -15.20 -7.33
CA MET A 281 11.59 -15.87 -6.14
C MET A 281 12.13 -17.24 -6.53
N ASP A 282 11.40 -17.95 -7.40
CA ASP A 282 11.89 -19.23 -7.87
C ASP A 282 13.16 -19.04 -8.66
N VAL A 283 13.24 -18.02 -9.49
CA VAL A 283 14.44 -17.80 -10.29
C VAL A 283 15.65 -17.54 -9.38
N MET A 284 15.46 -16.65 -8.42
CA MET A 284 16.48 -16.36 -7.43
C MET A 284 16.87 -17.58 -6.58
N ASP A 285 15.90 -18.39 -6.20
CA ASP A 285 16.21 -19.57 -5.40
C ASP A 285 17.05 -20.62 -6.24
N SER A 286 16.84 -20.64 -7.56
CA SER A 286 17.53 -21.56 -8.47
C SER A 286 19.02 -21.21 -8.58
N VAL A 287 19.35 -19.93 -8.42
CA VAL A 287 20.75 -19.56 -8.48
C VAL A 287 21.42 -19.43 -7.11
N ASN A 288 20.71 -19.13 -6.03
CA ASN A 288 21.30 -19.15 -4.70
C ASN A 288 20.44 -19.91 -3.70
N PRO A 289 20.52 -21.26 -3.76
CA PRO A 289 19.77 -22.09 -2.81
C PRO A 289 20.18 -21.85 -1.37
N ASP A 290 21.42 -21.44 -1.12
CA ASP A 290 21.86 -21.14 0.27
C ASP A 290 21.18 -19.93 0.88
N GLY A 291 20.50 -19.10 0.06
CA GLY A 291 19.68 -18.01 0.59
C GLY A 291 20.51 -17.08 1.44
N MET A 292 20.10 -16.85 2.66
CA MET A 292 20.84 -15.96 3.55
C MET A 292 22.12 -16.57 4.08
N ALA A 293 22.24 -17.90 4.00
CA ALA A 293 23.51 -18.55 4.39
C ALA A 293 24.66 -18.30 3.40
N PHE A 294 24.40 -17.58 2.31
CA PHE A 294 25.39 -17.36 1.28
C PHE A 294 26.62 -16.60 1.80
N ILE A 295 26.43 -15.54 2.58
CA ILE A 295 27.57 -14.84 3.16
C ILE A 295 28.47 -15.80 4.00
N PRO A 296 27.92 -16.49 5.01
CA PRO A 296 28.81 -17.35 5.79
C PRO A 296 29.35 -18.58 5.09
N LEU A 297 28.59 -19.18 4.20
CA LEU A 297 29.03 -20.41 3.57
C LEU A 297 29.90 -20.19 2.36
N ARG A 298 29.74 -19.07 1.67
CA ARG A 298 30.39 -18.88 0.38
C ARG A 298 31.33 -17.71 0.43
N VAL A 299 30.91 -16.55 0.95
CA VAL A 299 31.76 -15.33 0.86
C VAL A 299 32.91 -15.40 1.86
N ILE A 300 32.62 -15.86 3.06
CA ILE A 300 33.66 -16.00 4.10
C ILE A 300 34.80 -16.93 3.59
N PRO A 301 34.50 -18.18 3.12
CA PRO A 301 35.65 -18.98 2.65
C PRO A 301 36.40 -18.37 1.46
N PHE A 302 35.67 -17.73 0.54
CA PHE A 302 36.32 -17.06 -0.62
C PHE A 302 37.26 -15.94 -0.14
N LEU A 303 36.85 -15.17 0.87
CA LEU A 303 37.77 -14.13 1.39
C LEU A 303 38.96 -14.70 2.19
N ARG A 304 38.71 -15.73 3.01
CA ARG A 304 39.77 -16.42 3.77
C ARG A 304 40.86 -16.91 2.82
N GLU A 305 40.50 -17.54 1.72
CA GLU A 305 41.51 -17.95 0.71
C GLU A 305 42.20 -16.82 0.00
N LYS A 306 41.57 -15.67 -0.13
CA LYS A 306 42.28 -14.47 -0.56
C LYS A 306 43.27 -13.86 0.51
N GLY A 307 43.33 -14.38 1.71
CA GLY A 307 44.25 -13.89 2.75
C GLY A 307 43.57 -12.96 3.75
N VAL A 308 42.25 -12.81 3.74
CA VAL A 308 41.60 -12.03 4.80
C VAL A 308 41.54 -12.90 6.04
N SER A 309 41.90 -12.32 7.19
CA SER A 309 41.98 -13.05 8.42
C SER A 309 40.63 -13.24 9.03
N GLN A 310 40.53 -14.25 9.88
CA GLN A 310 39.30 -14.53 10.58
C GLN A 310 38.98 -13.34 11.49
N GLU A 311 40.02 -12.71 12.04
CA GLU A 311 39.85 -11.59 12.89
C GLU A 311 39.20 -10.43 12.15
N THR A 312 39.68 -10.15 10.95
CA THR A 312 39.09 -9.12 10.09
C THR A 312 37.61 -9.41 9.75
N LEU A 313 37.34 -10.70 9.47
CA LEU A 313 35.98 -11.14 9.13
C LEU A 313 35.03 -11.06 10.32
N ALA A 314 35.52 -11.39 11.51
CA ALA A 314 34.76 -11.25 12.75
C ALA A 314 34.48 -9.80 13.04
N GLY A 315 35.47 -8.96 12.75
CA GLY A 315 35.26 -7.51 12.83
C GLY A 315 34.13 -6.98 11.91
N ILE A 316 34.16 -7.39 10.65
CA ILE A 316 33.14 -6.95 9.71
C ILE A 316 31.75 -7.51 10.04
N THR A 317 31.66 -8.78 10.47
CA THR A 317 30.35 -9.46 10.64
C THR A 317 29.74 -9.40 12.06
N VAL A 318 30.58 -9.03 13.06
CA VAL A 318 30.19 -8.90 14.43
C VAL A 318 30.39 -7.48 14.94
N THR A 319 31.63 -6.98 14.91
CA THR A 319 31.91 -5.70 15.52
C THR A 319 31.21 -4.54 14.78
N ASN A 320 31.29 -4.52 13.45
CA ASN A 320 30.73 -3.40 12.73
C ASN A 320 29.22 -3.30 12.93
N PRO A 321 28.48 -4.43 12.78
CA PRO A 321 27.03 -4.27 12.97
C PRO A 321 26.64 -3.84 14.39
N ALA A 322 27.33 -4.33 15.40
CA ALA A 322 27.05 -3.96 16.77
C ALA A 322 27.24 -2.43 17.01
N ARG A 323 28.35 -1.90 16.54
CA ARG A 323 28.64 -0.46 16.64
C ARG A 323 27.61 0.31 15.86
N PHE A 324 27.22 -0.16 14.68
CA PHE A 324 26.24 0.52 13.85
C PHE A 324 24.83 0.56 14.46
N LEU A 325 24.35 -0.59 14.91
CA LEU A 325 22.99 -0.71 15.51
C LEU A 325 22.84 -0.16 16.92
N SER A 326 23.91 -0.11 17.71
N SER A 326 23.91 -0.13 17.70
CA SER A 326 23.79 0.41 19.07
CA SER A 326 23.82 0.39 19.05
C SER A 326 23.36 1.86 18.99
C SER A 326 23.37 1.85 18.99
N PRO A 327 22.27 2.21 19.67
CA PRO A 327 21.84 3.62 19.54
C PRO A 327 22.88 4.56 20.18
N THR A 328 23.14 5.73 19.59
CA THR A 328 23.98 6.80 20.23
C THR A 328 23.25 8.05 20.79
N ARG B 3 -29.93 -13.05 -2.10
CA ARG B 3 -29.12 -12.33 -1.05
C ARG B 3 -27.86 -11.59 -1.51
N ILE B 4 -27.52 -10.57 -0.74
CA ILE B 4 -26.39 -9.69 -1.01
C ILE B 4 -25.44 -9.91 0.19
N ASN B 5 -24.14 -9.99 -0.05
CA ASN B 5 -23.17 -10.13 1.06
C ASN B 5 -22.81 -8.77 1.66
N THR B 6 -22.90 -8.70 2.97
CA THR B 6 -22.48 -7.54 3.72
C THR B 6 -21.37 -7.90 4.72
N VAL B 7 -20.80 -6.87 5.32
CA VAL B 7 -19.80 -7.06 6.35
C VAL B 7 -20.28 -7.85 7.59
N ARG B 8 -21.60 -8.02 7.78
CA ARG B 8 -22.16 -8.86 8.85
C ARG B 8 -22.79 -10.18 8.28
N GLY B 9 -22.54 -10.53 7.01
CA GLY B 9 -23.13 -11.74 6.39
C GLY B 9 -24.19 -11.43 5.35
N PRO B 10 -24.87 -12.48 4.83
CA PRO B 10 -25.82 -12.25 3.76
C PRO B 10 -27.09 -11.60 4.27
N ILE B 11 -27.64 -10.67 3.52
CA ILE B 11 -28.97 -10.13 3.85
C ILE B 11 -29.84 -10.35 2.63
N THR B 12 -31.16 -10.40 2.83
CA THR B 12 -32.06 -10.54 1.67
C THR B 12 -32.13 -9.18 1.00
N ILE B 13 -32.53 -9.18 -0.28
CA ILE B 13 -32.60 -7.97 -1.11
C ILE B 13 -33.50 -6.94 -0.46
N SER B 14 -34.64 -7.37 0.08
CA SER B 14 -35.57 -6.45 0.70
C SER B 14 -35.08 -5.79 1.99
N GLU B 15 -34.16 -6.43 2.73
CA GLU B 15 -33.60 -5.81 3.94
C GLU B 15 -32.59 -4.64 3.57
N ALA B 16 -32.12 -4.57 2.32
CA ALA B 16 -31.16 -3.49 1.95
C ALA B 16 -31.82 -2.11 2.06
N GLY B 17 -33.09 -1.99 1.64
CA GLY B 17 -33.79 -0.73 1.78
C GLY B 17 -33.03 0.46 1.12
N PHE B 18 -33.25 1.65 1.68
CA PHE B 18 -32.65 2.88 1.12
C PHE B 18 -31.12 2.65 1.15
N THR B 19 -30.50 2.62 -0.03
CA THR B 19 -29.08 2.27 -0.19
C THR B 19 -28.29 3.38 -0.85
N LEU B 20 -27.21 3.83 -0.20
CA LEU B 20 -26.22 4.74 -0.78
C LEU B 20 -25.16 3.89 -1.47
N THR B 21 -24.99 4.07 -2.76
CA THR B 21 -24.21 3.11 -3.56
C THR B 21 -22.72 3.41 -3.73
N HIS B 22 -22.26 4.58 -3.25
CA HIS B 22 -20.86 4.95 -3.40
C HIS B 22 -20.48 5.81 -2.16
N GLU B 23 -19.93 5.15 -1.13
CA GLU B 23 -19.51 5.85 0.10
C GLU B 23 -18.18 5.23 0.59
N HIS B 24 -17.61 5.80 1.63
CA HIS B 24 -16.39 5.24 2.24
C HIS B 24 -16.49 5.44 3.71
N ILE B 25 -16.18 4.42 4.48
CA ILE B 25 -15.93 4.71 5.89
C ILE B 25 -14.67 5.57 6.04
N CYS B 26 -13.59 5.19 5.37
CA CYS B 26 -12.32 5.87 5.52
C CYS B 26 -11.57 5.72 4.18
N GLY B 27 -11.16 6.85 3.61
CA GLY B 27 -10.38 6.91 2.37
C GLY B 27 -8.93 7.01 2.75
N SER B 28 -8.19 5.91 2.59
CA SER B 28 -6.81 5.85 3.08
C SER B 28 -5.99 5.05 2.06
N SER B 29 -5.06 4.26 2.56
CA SER B 29 -4.13 3.49 1.75
C SER B 29 -3.94 2.13 2.44
N ALA B 30 -3.55 1.12 1.67
CA ALA B 30 -3.37 -0.23 2.26
C ALA B 30 -2.37 -0.16 3.43
N GLY B 31 -2.76 -0.73 4.55
CA GLY B 31 -1.89 -0.89 5.69
C GLY B 31 -1.86 0.39 6.53
N PHE B 32 -2.37 1.53 6.02
CA PHE B 32 -2.09 2.84 6.70
C PHE B 32 -2.85 3.02 8.01
N LEU B 33 -4.11 2.61 8.03
CA LEU B 33 -4.90 2.76 9.24
C LEU B 33 -4.34 1.95 10.42
N ARG B 34 -3.79 0.80 10.16
CA ARG B 34 -3.17 0.02 11.24
C ARG B 34 -1.78 0.52 11.62
N ALA B 35 -1.05 1.13 10.68
CA ALA B 35 0.36 1.54 10.92
C ALA B 35 0.39 2.91 11.61
N TRP B 36 -0.60 3.73 11.29
CA TRP B 36 -0.61 5.09 11.83
C TRP B 36 -2.06 5.56 12.18
N PRO B 37 -2.71 4.85 13.10
CA PRO B 37 -4.07 5.25 13.49
C PRO B 37 -4.14 6.65 14.13
N GLU B 38 -3.06 7.13 14.75
CA GLU B 38 -3.00 8.49 15.35
C GLU B 38 -3.19 9.59 14.30
N PHE B 39 -2.89 9.30 13.03
CA PHE B 39 -3.25 10.22 11.93
C PHE B 39 -4.73 10.65 12.03
N PHE B 40 -5.62 9.72 12.44
CA PHE B 40 -7.05 9.97 12.55
C PHE B 40 -7.51 10.33 13.99
N GLY B 41 -6.59 10.79 14.86
CA GLY B 41 -6.86 10.91 16.30
C GLY B 41 -6.50 9.61 16.94
N SER B 42 -7.28 8.58 16.62
CA SER B 42 -7.06 7.20 17.05
C SER B 42 -8.06 6.35 16.28
N ARG B 43 -7.88 5.04 16.36
CA ARG B 43 -8.81 4.11 15.76
C ARG B 43 -10.15 4.25 16.48
N ALA B 44 -10.14 4.39 17.82
CA ALA B 44 -11.39 4.59 18.56
C ALA B 44 -12.14 5.83 18.19
N ALA B 45 -11.42 6.93 17.95
CA ALA B 45 -12.04 8.21 17.53
C ALA B 45 -12.71 8.09 16.12
N LEU B 46 -12.03 7.40 15.20
CA LEU B 46 -12.60 7.20 13.80
C LEU B 46 -13.83 6.34 13.87
N VAL B 47 -13.75 5.26 14.64
CA VAL B 47 -14.90 4.40 14.85
C VAL B 47 -16.08 5.23 15.36
N GLU B 48 -15.89 5.93 16.44
CA GLU B 48 -17.00 6.70 17.04
C GLU B 48 -17.57 7.71 16.04
N LYS B 49 -16.68 8.39 15.30
CA LYS B 49 -17.08 9.35 14.30
C LYS B 49 -17.95 8.73 13.23
N ALA B 50 -17.51 7.54 12.81
CA ALA B 50 -18.21 6.88 11.75
C ALA B 50 -19.55 6.33 12.24
N VAL B 51 -19.58 5.86 13.50
CA VAL B 51 -20.84 5.29 14.05
C VAL B 51 -21.85 6.43 14.16
N ARG B 52 -21.41 7.60 14.68
CA ARG B 52 -22.33 8.77 14.78
C ARG B 52 -22.83 9.19 13.38
N GLY B 53 -21.94 9.17 12.39
CA GLY B 53 -22.34 9.61 11.04
C GLY B 53 -23.36 8.64 10.41
N LEU B 54 -23.17 7.35 10.61
CA LEU B 54 -24.05 6.36 10.07
C LEU B 54 -25.39 6.35 10.77
N ARG B 55 -25.34 6.60 12.06
CA ARG B 55 -26.58 6.75 12.85
C ARG B 55 -27.37 7.93 12.35
N ARG B 56 -26.69 9.04 12.02
CA ARG B 56 -27.39 10.20 11.45
C ARG B 56 -28.02 9.84 10.10
N ALA B 57 -27.28 9.20 9.23
CA ALA B 57 -27.87 8.70 7.95
C ALA B 57 -29.08 7.73 8.18
N ARG B 58 -28.94 6.85 9.16
CA ARG B 58 -30.00 5.88 9.48
C ARG B 58 -31.27 6.57 9.94
N ALA B 59 -31.10 7.57 10.78
CA ALA B 59 -32.26 8.36 11.24
C ALA B 59 -32.94 9.03 10.07
N ALA B 60 -32.17 9.45 9.05
CA ALA B 60 -32.72 10.07 7.88
C ALA B 60 -33.31 9.04 6.84
N GLY B 61 -33.26 7.76 7.16
CA GLY B 61 -33.83 6.75 6.29
C GLY B 61 -32.88 5.78 5.64
N VAL B 62 -31.55 6.05 5.68
CA VAL B 62 -30.62 5.13 5.05
C VAL B 62 -30.56 3.81 5.82
N ARG B 63 -30.56 2.67 5.09
CA ARG B 63 -30.44 1.35 5.69
C ARG B 63 -29.16 0.59 5.34
N THR B 64 -28.61 0.90 4.18
CA THR B 64 -27.45 0.27 3.63
C THR B 64 -26.54 1.28 2.95
N ILE B 65 -25.24 1.10 3.09
CA ILE B 65 -24.30 1.82 2.24
C ILE B 65 -23.39 0.79 1.54
N VAL B 66 -22.89 1.12 0.38
CA VAL B 66 -21.88 0.34 -0.30
C VAL B 66 -20.60 1.08 -0.14
N ASP B 67 -19.63 0.48 0.58
CA ASP B 67 -18.34 1.11 0.79
C ASP B 67 -17.48 0.65 -0.35
N VAL B 68 -17.17 1.57 -1.24
CA VAL B 68 -16.45 1.22 -2.46
C VAL B 68 -14.93 1.42 -2.30
N SER B 69 -14.45 1.40 -1.04
CA SER B 69 -13.02 1.38 -0.75
C SER B 69 -12.41 -0.02 -1.12
N THR B 70 -11.47 0.01 -2.05
CA THR B 70 -10.68 -1.15 -2.44
C THR B 70 -9.50 -1.33 -1.48
N PHE B 71 -8.80 -2.44 -1.67
CA PHE B 71 -7.45 -2.68 -1.13
C PHE B 71 -6.60 -1.39 -1.06
N ASP B 72 -6.45 -0.69 -2.17
CA ASP B 72 -5.55 0.46 -2.22
C ASP B 72 -6.16 1.79 -1.71
N ILE B 73 -7.46 1.79 -1.41
CA ILE B 73 -8.10 2.81 -0.61
C ILE B 73 -7.91 2.50 0.87
N GLY B 74 -7.21 1.42 1.20
CA GLY B 74 -6.92 1.11 2.61
C GLY B 74 -8.18 0.62 3.30
N ARG B 75 -9.14 0.04 2.54
CA ARG B 75 -10.28 -0.71 3.16
C ARG B 75 -9.81 -1.57 4.30
N ASP B 76 -10.51 -1.46 5.41
CA ASP B 76 -10.28 -2.31 6.57
C ASP B 76 -11.65 -2.88 6.90
N VAL B 77 -11.88 -4.10 6.41
CA VAL B 77 -13.18 -4.65 6.61
C VAL B 77 -13.57 -4.88 8.07
N SER B 78 -12.57 -5.08 8.95
CA SER B 78 -12.87 -5.24 10.39
C SER B 78 -13.39 -3.92 10.96
N LEU B 79 -12.90 -2.80 10.45
CA LEU B 79 -13.44 -1.49 10.81
C LEU B 79 -14.90 -1.37 10.32
N LEU B 80 -15.12 -1.65 9.05
CA LEU B 80 -16.46 -1.65 8.49
C LEU B 80 -17.43 -2.49 9.31
N ALA B 81 -17.05 -3.71 9.67
CA ALA B 81 -17.92 -4.54 10.49
C ALA B 81 -18.25 -3.97 11.86
N GLU B 82 -17.23 -3.52 12.56
CA GLU B 82 -17.46 -2.88 13.80
C GLU B 82 -18.44 -1.69 13.65
N VAL B 83 -18.24 -0.81 12.66
CA VAL B 83 -19.14 0.35 12.58
C VAL B 83 -20.57 -0.06 12.15
N SER B 84 -20.68 -1.08 11.32
CA SER B 84 -21.98 -1.56 10.82
C SER B 84 -22.77 -2.14 11.99
N ARG B 85 -22.10 -2.89 12.84
CA ARG B 85 -22.74 -3.48 14.03
C ARG B 85 -23.21 -2.40 14.97
N ALA B 86 -22.34 -1.48 15.34
CA ALA B 86 -22.71 -0.44 16.26
C ALA B 86 -23.81 0.52 15.71
N ALA B 87 -23.74 0.86 14.45
CA ALA B 87 -24.76 1.77 13.83
C ALA B 87 -26.03 1.10 13.35
N ASP B 88 -26.01 -0.23 13.23
CA ASP B 88 -27.04 -1.01 12.57
C ASP B 88 -27.40 -0.43 11.19
N VAL B 89 -26.35 -0.25 10.41
CA VAL B 89 -26.50 0.09 9.02
C VAL B 89 -25.72 -0.98 8.27
N HIS B 90 -26.36 -1.58 7.28
CA HIS B 90 -25.69 -2.56 6.41
C HIS B 90 -24.58 -1.92 5.61
N ILE B 91 -23.44 -2.59 5.49
CA ILE B 91 -22.35 -2.13 4.63
C ILE B 91 -21.91 -3.23 3.70
N VAL B 92 -21.98 -2.96 2.39
CA VAL B 92 -21.44 -3.84 1.39
C VAL B 92 -19.98 -3.46 1.13
N ALA B 93 -19.08 -4.43 1.24
CA ALA B 93 -17.66 -4.19 0.94
C ALA B 93 -17.36 -4.47 -0.56
N ALA B 94 -16.25 -3.88 -0.98
CA ALA B 94 -15.77 -3.94 -2.36
C ALA B 94 -14.42 -4.65 -2.47
N THR B 95 -14.16 -5.24 -3.65
CA THR B 95 -12.85 -5.61 -4.11
C THR B 95 -12.62 -4.76 -5.33
N GLY B 96 -11.59 -5.11 -6.11
CA GLY B 96 -11.13 -4.21 -7.15
C GLY B 96 -9.85 -3.45 -6.84
N LEU B 97 -9.50 -2.57 -7.75
CA LEU B 97 -8.38 -1.64 -7.54
C LEU B 97 -8.76 -0.26 -7.97
N TRP B 98 -8.26 0.70 -7.20
CA TRP B 98 -8.45 2.14 -7.45
C TRP B 98 -7.20 2.70 -8.09
N GLU B 99 -6.88 3.97 -7.93
CA GLU B 99 -5.78 4.60 -8.65
C GLU B 99 -4.42 4.61 -7.92
N ASP B 100 -4.27 3.90 -6.81
CA ASP B 100 -2.99 3.90 -6.14
C ASP B 100 -2.49 2.44 -5.85
N PRO B 101 -2.46 1.56 -6.87
CA PRO B 101 -2.00 0.20 -6.62
C PRO B 101 -0.54 0.18 -6.29
N PRO B 102 -0.15 -0.60 -5.27
CA PRO B 102 1.29 -0.76 -5.05
C PRO B 102 1.94 -1.66 -6.14
N LEU B 103 3.27 -1.73 -6.13
CA LEU B 103 4.02 -2.58 -7.09
C LEU B 103 3.52 -4.03 -7.14
N SER B 104 3.21 -4.62 -5.99
CA SER B 104 2.75 -6.02 -5.88
C SER B 104 1.42 -6.26 -6.65
N MET B 105 0.63 -5.20 -6.78
CA MET B 105 -0.56 -5.22 -7.67
C MET B 105 -0.27 -4.84 -9.13
N ARG B 106 0.47 -3.77 -9.36
CA ARG B 106 0.76 -3.25 -10.69
C ARG B 106 1.57 -4.17 -11.56
N LEU B 107 2.35 -5.07 -10.98
CA LEU B 107 3.09 -6.08 -11.73
C LEU B 107 2.25 -7.33 -12.11
N ARG B 108 1.01 -7.41 -11.68
CA ARG B 108 0.18 -8.59 -11.87
C ARG B 108 -0.47 -8.64 -13.29
N SER B 109 -0.68 -9.85 -13.77
CA SER B 109 -1.36 -10.09 -15.06
C SER B 109 -2.89 -9.99 -14.88
N VAL B 110 -3.60 -9.89 -16.00
CA VAL B 110 -5.05 -9.96 -15.94
C VAL B 110 -5.59 -11.23 -15.25
N GLU B 111 -4.95 -12.38 -15.48
CA GLU B 111 -5.36 -13.61 -14.81
C GLU B 111 -5.11 -13.56 -13.32
N GLU B 112 -3.99 -13.02 -12.93
CA GLU B 112 -3.69 -12.89 -11.50
C GLU B 112 -4.67 -11.92 -10.78
N LEU B 113 -4.91 -10.76 -11.37
CA LEU B 113 -5.88 -9.83 -10.81
C LEU B 113 -7.25 -10.47 -10.72
N THR B 114 -7.63 -11.28 -11.73
CA THR B 114 -8.90 -11.98 -11.70
C THR B 114 -8.98 -12.83 -10.48
N GLN B 115 -7.95 -13.60 -10.18
CA GLN B 115 -7.94 -14.49 -9.03
C GLN B 115 -8.04 -13.72 -7.72
N PHE B 116 -7.37 -12.61 -7.68
CA PHE B 116 -7.43 -11.73 -6.49
C PHE B 116 -8.85 -11.24 -6.23
N PHE B 117 -9.51 -10.73 -7.25
CA PHE B 117 -10.91 -10.26 -7.06
C PHE B 117 -11.85 -11.40 -6.72
N LEU B 118 -11.67 -12.55 -7.37
CA LEU B 118 -12.53 -13.71 -7.07
C LEU B 118 -12.32 -14.15 -5.66
N ARG B 119 -11.07 -14.10 -5.19
CA ARG B 119 -10.77 -14.48 -3.80
C ARG B 119 -11.57 -13.64 -2.80
N GLU B 120 -11.59 -12.34 -3.06
CA GLU B 120 -12.26 -11.43 -2.18
C GLU B 120 -13.78 -11.54 -2.21
N ILE B 121 -14.33 -11.91 -3.38
CA ILE B 121 -15.74 -12.23 -3.57
C ILE B 121 -16.17 -13.63 -3.03
N GLN B 122 -15.43 -14.70 -3.38
CA GLN B 122 -15.84 -16.09 -3.13
C GLN B 122 -15.35 -16.65 -1.82
N TYR B 123 -14.15 -16.23 -1.39
CA TYR B 123 -13.52 -16.78 -0.19
C TYR B 123 -13.67 -15.78 0.97
N GLY B 124 -13.22 -14.55 0.75
CA GLY B 124 -13.33 -13.56 1.78
C GLY B 124 -12.19 -12.59 1.67
N ILE B 125 -12.37 -11.48 2.40
CA ILE B 125 -11.35 -10.47 2.50
C ILE B 125 -10.40 -10.75 3.71
N GLU B 126 -9.10 -10.86 3.39
CA GLU B 126 -8.04 -11.18 4.36
C GLU B 126 -8.46 -12.52 5.01
N ASP B 127 -8.46 -12.58 6.33
CA ASP B 127 -8.86 -13.78 7.10
C ASP B 127 -10.19 -13.52 7.88
N THR B 128 -10.98 -12.57 7.43
CA THR B 128 -12.23 -12.22 8.12
C THR B 128 -13.46 -13.03 7.73
N GLY B 129 -13.45 -13.68 6.56
CA GLY B 129 -14.64 -14.36 6.08
C GLY B 129 -15.61 -13.40 5.40
N ILE B 130 -15.31 -12.10 5.37
CA ILE B 130 -16.26 -11.13 4.85
C ILE B 130 -16.09 -11.10 3.31
N ARG B 131 -17.14 -11.38 2.58
CA ARG B 131 -17.06 -11.37 1.12
C ARG B 131 -17.45 -10.04 0.48
N ALA B 132 -16.76 -9.66 -0.59
CA ALA B 132 -17.11 -8.46 -1.29
C ALA B 132 -18.41 -8.64 -2.07
N GLY B 133 -19.18 -7.58 -2.16
CA GLY B 133 -20.44 -7.57 -2.90
C GLY B 133 -20.42 -6.72 -4.14
N ILE B 134 -19.27 -6.12 -4.47
CA ILE B 134 -19.15 -5.24 -5.60
C ILE B 134 -17.69 -5.17 -6.00
N ILE B 135 -17.44 -4.85 -7.27
CA ILE B 135 -16.09 -4.66 -7.74
C ILE B 135 -15.92 -3.26 -8.21
N LYS B 136 -14.94 -2.59 -7.64
CA LYS B 136 -14.60 -1.17 -7.92
C LYS B 136 -13.35 -1.02 -8.79
N VAL B 137 -13.39 -0.19 -9.81
CA VAL B 137 -12.23 0.08 -10.70
C VAL B 137 -12.15 1.59 -10.98
N ALA B 138 -11.02 2.02 -11.60
CA ALA B 138 -10.76 3.41 -11.82
C ALA B 138 -9.98 3.74 -13.09
N THR B 139 -10.33 4.87 -13.68
CA THR B 139 -9.51 5.53 -14.69
C THR B 139 -9.53 6.99 -14.40
N ASN B 140 -8.47 7.71 -14.81
CA ASN B 140 -8.46 9.20 -14.71
C ASN B 140 -8.06 9.74 -16.06
N GLY B 141 -8.96 9.69 -17.03
CA GLY B 141 -8.59 9.90 -18.47
C GLY B 141 -8.35 8.56 -19.16
N LYS B 142 -7.60 8.59 -20.26
CA LYS B 142 -7.25 7.36 -20.99
C LYS B 142 -6.63 6.39 -19.97
N ALA B 143 -7.14 5.15 -19.99
CA ALA B 143 -6.70 4.06 -19.17
C ALA B 143 -5.22 3.84 -19.43
N THR B 144 -4.46 3.64 -18.37
CA THR B 144 -3.11 3.14 -18.54
C THR B 144 -3.26 1.66 -18.98
N PRO B 145 -2.20 1.05 -19.54
CA PRO B 145 -2.22 -0.41 -19.81
C PRO B 145 -2.59 -1.21 -18.55
N PHE B 146 -2.11 -0.78 -17.39
CA PHE B 146 -2.50 -1.51 -16.15
C PHE B 146 -4.01 -1.39 -15.83
N GLN B 147 -4.55 -0.19 -15.96
CA GLN B 147 -5.98 0.01 -15.75
C GLN B 147 -6.87 -0.83 -16.67
N GLU B 148 -6.45 -0.96 -17.92
CA GLU B 148 -7.12 -1.90 -18.82
C GLU B 148 -7.19 -3.29 -18.24
N LEU B 149 -6.06 -3.81 -17.75
CA LEU B 149 -6.05 -5.16 -17.16
C LEU B 149 -7.02 -5.21 -15.99
N VAL B 150 -6.99 -4.18 -15.14
CA VAL B 150 -7.93 -4.08 -14.00
C VAL B 150 -9.43 -4.18 -14.46
N LEU B 151 -9.77 -3.44 -15.53
CA LEU B 151 -11.12 -3.42 -16.08
C LEU B 151 -11.53 -4.79 -16.60
N ARG B 152 -10.61 -5.48 -17.26
CA ARG B 152 -10.97 -6.81 -17.81
C ARG B 152 -11.08 -7.83 -16.70
N ALA B 153 -10.14 -7.80 -15.74
CA ALA B 153 -10.22 -8.67 -14.60
C ALA B 153 -11.53 -8.48 -13.84
N ALA B 154 -11.93 -7.23 -13.66
CA ALA B 154 -13.22 -6.94 -13.02
C ALA B 154 -14.44 -7.56 -13.77
N ALA B 155 -14.48 -7.39 -15.07
CA ALA B 155 -15.53 -8.01 -15.92
C ALA B 155 -15.54 -9.47 -15.74
N ARG B 156 -14.34 -10.04 -15.74
CA ARG B 156 -14.20 -11.48 -15.66
C ARG B 156 -14.65 -11.99 -14.36
N ALA B 157 -14.28 -11.25 -13.29
CA ALA B 157 -14.78 -11.56 -11.96
C ALA B 157 -16.29 -11.35 -11.80
N SER B 158 -16.84 -10.27 -12.40
CA SER B 158 -18.28 -10.08 -12.38
C SER B 158 -19.00 -11.21 -13.11
N LEU B 159 -18.48 -11.59 -14.26
CA LEU B 159 -19.16 -12.66 -14.99
C LEU B 159 -19.19 -13.97 -14.24
N ALA B 160 -18.10 -14.28 -13.55
CA ALA B 160 -18.04 -15.50 -12.81
C ALA B 160 -18.84 -15.49 -11.51
N THR B 161 -19.08 -14.32 -10.91
CA THR B 161 -19.74 -14.29 -9.57
C THR B 161 -21.13 -13.70 -9.53
N GLY B 162 -21.52 -12.95 -10.57
CA GLY B 162 -22.81 -12.20 -10.53
C GLY B 162 -22.73 -10.83 -9.85
N VAL B 163 -21.61 -10.51 -9.18
CA VAL B 163 -21.57 -9.23 -8.52
C VAL B 163 -21.35 -8.08 -9.53
N PRO B 164 -21.94 -6.90 -9.25
CA PRO B 164 -21.80 -5.75 -10.09
C PRO B 164 -20.42 -5.06 -10.03
N VAL B 165 -20.15 -4.22 -11.05
CA VAL B 165 -18.96 -3.42 -11.18
C VAL B 165 -19.32 -1.95 -11.02
N THR B 166 -18.52 -1.18 -10.29
CA THR B 166 -18.70 0.24 -10.18
C THR B 166 -17.40 0.93 -10.48
N THR B 167 -17.46 2.14 -11.04
CA THR B 167 -16.28 2.79 -11.53
C THR B 167 -16.05 4.19 -11.04
N HIS B 168 -14.77 4.52 -10.99
CA HIS B 168 -14.28 5.88 -10.76
C HIS B 168 -13.92 6.42 -12.16
N THR B 169 -14.38 7.63 -12.47
CA THR B 169 -14.03 8.30 -13.74
C THR B 169 -13.52 9.69 -13.51
N ALA B 170 -12.80 10.20 -14.50
CA ALA B 170 -12.61 11.63 -14.80
C ALA B 170 -13.75 11.94 -15.77
N ALA B 171 -14.89 12.38 -15.22
CA ALA B 171 -16.12 12.53 -16.02
C ALA B 171 -15.95 13.48 -17.20
N SER B 172 -15.21 14.55 -16.96
CA SER B 172 -14.92 15.58 -17.95
C SER B 172 -14.12 15.03 -19.15
N GLN B 173 -13.47 13.89 -18.99
CA GLN B 173 -12.77 13.22 -20.09
C GLN B 173 -13.62 12.11 -20.68
N ARG B 174 -14.87 12.02 -20.26
CA ARG B 174 -15.78 11.01 -20.81
C ARG B 174 -15.31 9.56 -20.65
N ASP B 175 -14.63 9.30 -19.53
CA ASP B 175 -13.96 7.99 -19.32
C ASP B 175 -14.92 6.85 -19.43
N GLY B 176 -16.18 7.11 -19.11
CA GLY B 176 -17.24 6.13 -19.20
C GLY B 176 -17.29 5.39 -20.54
N GLU B 177 -16.95 6.10 -21.62
CA GLU B 177 -16.96 5.56 -23.00
C GLU B 177 -15.95 4.47 -23.20
N GLN B 178 -14.70 4.75 -22.81
CA GLN B 178 -13.64 3.72 -22.88
C GLN B 178 -13.95 2.54 -22.00
N GLN B 179 -14.41 2.84 -20.76
CA GLN B 179 -14.73 1.79 -19.81
C GLN B 179 -15.75 0.82 -20.36
N ALA B 180 -16.85 1.36 -20.85
CA ALA B 180 -17.92 0.56 -21.44
C ALA B 180 -17.37 -0.33 -22.59
N ALA B 181 -16.54 0.25 -23.43
CA ALA B 181 -16.01 -0.47 -24.58
C ALA B 181 -15.21 -1.67 -24.09
N ILE B 182 -14.38 -1.45 -23.05
CA ILE B 182 -13.61 -2.54 -22.50
C ILE B 182 -14.53 -3.59 -21.89
N PHE B 183 -15.48 -3.17 -21.06
CA PHE B 183 -16.40 -4.15 -20.47
C PHE B 183 -17.21 -4.98 -21.49
N GLU B 184 -17.65 -4.30 -22.54
CA GLU B 184 -18.46 -4.91 -23.59
C GLU B 184 -17.60 -5.91 -24.35
N SER B 185 -16.34 -5.54 -24.59
CA SER B 185 -15.34 -6.45 -25.14
C SER B 185 -15.21 -7.75 -24.33
N GLU B 186 -15.46 -7.72 -23.01
CA GLU B 186 -15.43 -8.95 -22.20
C GLU B 186 -16.77 -9.61 -22.10
N GLY B 187 -17.80 -9.07 -22.78
CA GLY B 187 -19.18 -9.63 -22.70
C GLY B 187 -19.96 -9.28 -21.43
N LEU B 188 -19.64 -8.17 -20.77
CA LEU B 188 -20.31 -7.81 -19.50
C LEU B 188 -21.54 -6.98 -19.86
N SER B 189 -22.66 -7.24 -19.18
CA SER B 189 -23.93 -6.56 -19.45
C SER B 189 -23.83 -5.14 -18.86
N PRO B 190 -24.25 -4.12 -19.63
CA PRO B 190 -24.20 -2.78 -19.05
C PRO B 190 -24.96 -2.57 -17.76
N SER B 191 -26.08 -3.29 -17.58
CA SER B 191 -26.89 -3.19 -16.38
C SER B 191 -26.21 -3.65 -15.10
N ARG B 192 -25.05 -4.29 -15.25
CA ARG B 192 -24.22 -4.67 -14.10
C ARG B 192 -23.07 -3.69 -13.87
N VAL B 193 -23.08 -2.52 -14.53
CA VAL B 193 -22.01 -1.55 -14.43
C VAL B 193 -22.54 -0.16 -14.08
N CYS B 194 -21.99 0.44 -13.05
CA CYS B 194 -22.27 1.84 -12.76
C CYS B 194 -21.02 2.66 -13.09
N ILE B 195 -21.21 3.66 -13.94
CA ILE B 195 -20.18 4.59 -14.33
C ILE B 195 -20.25 5.75 -13.35
N GLY B 196 -19.30 5.78 -12.42
CA GLY B 196 -19.35 6.71 -11.28
C GLY B 196 -18.68 8.03 -11.50
N HIS B 197 -18.86 8.86 -10.46
CA HIS B 197 -18.49 10.30 -10.49
C HIS B 197 -19.06 11.04 -11.75
N SER B 198 -20.21 10.59 -12.22
CA SER B 198 -20.85 11.17 -13.41
C SER B 198 -21.52 12.53 -13.17
N ASP B 199 -21.72 12.88 -11.91
CA ASP B 199 -22.15 14.24 -11.55
C ASP B 199 -21.02 15.28 -11.58
N ASP B 200 -19.78 14.86 -11.86
CA ASP B 200 -18.67 15.82 -11.92
C ASP B 200 -18.71 16.61 -13.21
N THR B 201 -19.59 16.25 -14.15
CA THR B 201 -19.63 16.86 -15.45
C THR B 201 -21.01 17.40 -15.71
N ASP B 202 -21.10 18.47 -16.50
CA ASP B 202 -22.43 18.96 -16.97
C ASP B 202 -22.81 18.43 -18.37
N ASP B 203 -22.08 17.45 -18.87
CA ASP B 203 -22.30 16.98 -20.23
C ASP B 203 -23.37 15.91 -20.26
N LEU B 204 -24.61 16.37 -20.33
CA LEU B 204 -25.80 15.52 -20.40
C LEU B 204 -25.81 14.55 -21.56
N SER B 205 -25.33 14.98 -22.71
CA SER B 205 -25.38 14.07 -23.84
C SER B 205 -24.44 12.85 -23.66
N TYR B 206 -23.32 13.03 -22.94
CA TYR B 206 -22.42 11.90 -22.52
C TYR B 206 -23.15 10.91 -21.60
N LEU B 207 -23.83 11.44 -20.59
CA LEU B 207 -24.58 10.63 -19.65
C LEU B 207 -25.75 9.91 -20.28
N THR B 208 -26.53 10.65 -21.09
CA THR B 208 -27.72 10.07 -21.70
C THR B 208 -27.31 8.98 -22.67
N ALA B 209 -26.23 9.19 -23.43
CA ALA B 209 -25.83 8.10 -24.36
C ALA B 209 -25.44 6.83 -23.62
N LEU B 210 -24.76 6.97 -22.49
CA LEU B 210 -24.39 5.80 -21.70
C LEU B 210 -25.62 5.16 -21.13
N ALA B 211 -26.50 5.99 -20.59
CA ALA B 211 -27.76 5.49 -20.04
C ALA B 211 -28.63 4.78 -21.05
N ALA B 212 -28.69 5.28 -22.29
CA ALA B 212 -29.48 4.65 -23.36
C ALA B 212 -28.94 3.27 -23.65
N ARG B 213 -27.65 3.06 -23.42
CA ARG B 213 -26.99 1.74 -23.53
C ARG B 213 -27.21 0.74 -22.37
N GLY B 214 -27.91 1.15 -21.30
CA GLY B 214 -28.19 0.25 -20.18
C GLY B 214 -27.22 0.42 -19.00
N TYR B 215 -26.25 1.33 -19.14
CA TYR B 215 -25.36 1.65 -18.02
C TYR B 215 -26.10 2.27 -16.89
N LEU B 216 -25.63 2.02 -15.69
CA LEU B 216 -26.06 2.83 -14.53
C LEU B 216 -25.17 4.06 -14.43
N ILE B 217 -25.77 5.20 -14.09
CA ILE B 217 -25.12 6.48 -14.05
C ILE B 217 -25.02 6.86 -12.58
N GLY B 218 -23.81 6.84 -12.04
CA GLY B 218 -23.54 7.15 -10.63
C GLY B 218 -23.42 8.64 -10.44
N LEU B 219 -24.48 9.24 -9.90
CA LEU B 219 -24.45 10.65 -9.49
C LEU B 219 -24.13 10.66 -8.02
N ASP B 220 -22.85 10.52 -7.73
CA ASP B 220 -22.42 10.03 -6.41
C ASP B 220 -21.66 11.01 -5.54
N GLY B 221 -21.49 12.26 -6.00
CA GLY B 221 -20.79 13.27 -5.22
C GLY B 221 -21.56 14.55 -4.94
N ILE B 222 -22.85 14.41 -4.73
CA ILE B 222 -23.77 15.57 -4.75
C ILE B 222 -23.33 16.64 -3.78
N PRO B 223 -22.89 16.28 -2.55
CA PRO B 223 -22.46 17.37 -1.69
C PRO B 223 -21.03 17.88 -1.87
N HIS B 224 -20.32 17.40 -2.86
CA HIS B 224 -18.96 17.86 -3.10
C HIS B 224 -18.97 19.23 -3.70
N SER B 225 -18.54 20.24 -2.96
CA SER B 225 -18.45 21.56 -3.52
C SER B 225 -17.58 22.43 -2.64
N ALA B 226 -16.74 23.22 -3.27
CA ALA B 226 -15.83 24.20 -2.61
C ALA B 226 -16.41 25.64 -2.67
N ILE B 227 -17.71 25.80 -2.92
CA ILE B 227 -18.28 27.15 -2.84
C ILE B 227 -18.11 27.66 -1.43
N GLY B 228 -17.66 28.90 -1.28
CA GLY B 228 -17.32 29.44 0.05
C GLY B 228 -15.89 29.17 0.46
N LEU B 229 -15.20 28.26 -0.22
CA LEU B 229 -13.78 27.93 0.07
C LEU B 229 -12.84 28.24 -1.11
N GLU B 230 -13.09 29.33 -1.79
CA GLU B 230 -12.32 29.65 -2.97
C GLU B 230 -10.87 29.96 -2.71
N ASP B 231 -10.57 30.49 -1.56
CA ASP B 231 -9.20 30.74 -1.17
C ASP B 231 -8.42 29.46 -0.81
N ASN B 232 -9.05 28.27 -0.80
CA ASN B 232 -8.38 27.01 -0.40
C ASN B 232 -8.20 26.19 -1.68
N ALA B 233 -6.98 26.18 -2.23
CA ALA B 233 -6.75 25.62 -3.54
C ALA B 233 -6.91 24.09 -3.47
N SER B 234 -6.53 23.48 -2.38
CA SER B 234 -6.55 22.01 -2.31
C SER B 234 -8.01 21.57 -2.18
N ALA B 235 -8.81 22.31 -1.41
CA ALA B 235 -10.23 21.93 -1.28
C ALA B 235 -10.97 22.16 -2.59
N SER B 236 -10.65 23.29 -3.21
CA SER B 236 -11.22 23.62 -4.54
C SER B 236 -10.89 22.60 -5.60
N ALA B 237 -9.63 22.15 -5.67
CA ALA B 237 -9.21 21.14 -6.63
C ALA B 237 -9.96 19.84 -6.42
N LEU B 238 -10.14 19.45 -5.16
CA LEU B 238 -10.77 18.18 -4.86
C LEU B 238 -12.26 18.24 -5.10
N LEU B 239 -12.93 19.23 -4.52
CA LEU B 239 -14.41 19.29 -4.48
C LEU B 239 -15.07 20.00 -5.69
N GLY B 240 -14.33 20.83 -6.45
CA GLY B 240 -14.92 21.58 -7.55
C GLY B 240 -15.65 22.84 -7.11
N ASN B 241 -15.92 23.69 -8.07
CA ASN B 241 -16.61 24.95 -7.79
C ASN B 241 -18.05 24.91 -8.28
N ARG B 242 -18.55 23.74 -8.70
CA ARG B 242 -19.97 23.56 -8.99
C ARG B 242 -20.76 23.28 -7.69
N SER B 243 -21.94 23.89 -7.58
CA SER B 243 -22.78 23.74 -6.39
C SER B 243 -23.40 22.38 -6.28
N TRP B 244 -23.78 22.02 -5.06
CA TRP B 244 -24.53 20.79 -4.87
C TRP B 244 -25.86 20.79 -5.67
N GLN B 245 -26.48 21.96 -5.79
CA GLN B 245 -27.71 22.16 -6.52
C GLN B 245 -27.52 21.82 -7.99
N THR B 246 -26.41 22.27 -8.57
CA THR B 246 -26.09 21.90 -9.92
C THR B 246 -25.91 20.41 -10.17
N ARG B 247 -25.17 19.74 -9.29
CA ARG B 247 -25.04 18.30 -9.35
C ARG B 247 -26.41 17.62 -9.19
N ALA B 248 -27.24 18.10 -8.26
CA ALA B 248 -28.52 17.51 -7.99
C ALA B 248 -29.48 17.68 -9.15
N LEU B 249 -29.39 18.80 -9.88
CA LEU B 249 -30.24 18.99 -11.04
C LEU B 249 -29.91 18.01 -12.18
N LEU B 250 -28.73 17.40 -12.20
CA LEU B 250 -28.49 16.27 -13.11
C LEU B 250 -29.41 15.06 -12.87
N ILE B 251 -29.77 14.84 -11.60
CA ILE B 251 -30.63 13.77 -11.21
C ILE B 251 -32.00 14.05 -11.87
N LYS B 252 -32.46 15.29 -11.70
CA LYS B 252 -33.71 15.73 -12.29
C LYS B 252 -33.67 15.69 -13.84
N ALA B 253 -32.57 16.19 -14.42
CA ALA B 253 -32.42 16.11 -15.88
C ALA B 253 -32.51 14.67 -16.43
N LEU B 254 -31.85 13.70 -15.81
CA LEU B 254 -31.97 12.33 -16.26
C LEU B 254 -33.38 11.76 -16.06
N ILE B 255 -34.03 12.14 -14.96
CA ILE B 255 -35.38 11.74 -14.75
C ILE B 255 -36.26 12.28 -15.87
N ASP B 256 -36.11 13.57 -16.18
CA ASP B 256 -36.85 14.26 -17.22
C ASP B 256 -36.63 13.67 -18.61
N GLN B 257 -35.47 13.14 -18.93
CA GLN B 257 -35.23 12.56 -20.23
C GLN B 257 -35.59 11.08 -20.28
N GLY B 258 -36.16 10.49 -19.23
CA GLY B 258 -36.66 9.13 -19.26
C GLY B 258 -35.73 8.07 -18.69
N TYR B 259 -34.67 8.49 -17.98
CA TYR B 259 -33.61 7.60 -17.53
C TYR B 259 -33.61 7.27 -16.04
N MET B 260 -34.73 7.45 -15.39
CA MET B 260 -34.87 7.19 -13.95
C MET B 260 -34.26 5.87 -13.55
N LYS B 261 -34.50 4.83 -14.33
CA LYS B 261 -34.13 3.46 -13.98
C LYS B 261 -32.63 3.22 -14.08
N GLN B 262 -31.89 4.16 -14.69
CA GLN B 262 -30.48 4.08 -14.86
C GLN B 262 -29.67 4.91 -13.83
N ILE B 263 -30.34 5.55 -12.88
CA ILE B 263 -29.73 6.47 -11.95
C ILE B 263 -29.39 5.77 -10.68
N LEU B 264 -28.17 6.02 -10.22
CA LEU B 264 -27.80 5.76 -8.81
C LEU B 264 -27.25 7.04 -8.15
N VAL B 265 -27.65 7.30 -6.91
CA VAL B 265 -27.22 8.49 -6.19
C VAL B 265 -26.50 8.18 -4.90
N SER B 266 -25.52 9.00 -4.59
CA SER B 266 -24.79 8.82 -3.35
C SER B 266 -24.10 10.15 -3.00
N ASN B 267 -23.36 10.12 -1.87
CA ASN B 267 -22.60 11.23 -1.41
C ASN B 267 -21.13 11.14 -1.71
N ASP B 268 -20.56 9.95 -1.80
CA ASP B 268 -19.10 9.84 -1.82
C ASP B 268 -18.44 10.59 -0.64
N TRP B 269 -18.97 10.30 0.53
CA TRP B 269 -18.51 10.89 1.74
C TRP B 269 -17.59 9.89 2.42
N LEU B 270 -16.97 10.36 3.49
CA LEU B 270 -16.07 9.61 4.34
C LEU B 270 -15.97 10.20 5.71
N PHE B 271 -15.47 9.41 6.64
CA PHE B 271 -15.32 9.82 8.03
C PHE B 271 -13.87 10.01 8.41
N GLY B 272 -12.94 9.45 7.64
CA GLY B 272 -11.54 9.76 7.70
C GLY B 272 -10.95 9.79 6.27
N PHE B 273 -9.86 10.52 6.09
CA PHE B 273 -9.33 10.86 4.79
C PHE B 273 -7.88 11.18 4.90
N SER B 274 -7.03 10.18 4.57
CA SER B 274 -5.55 10.32 4.67
C SER B 274 -4.81 10.42 3.34
N SER B 275 -5.48 10.12 2.24
CA SER B 275 -4.82 10.01 0.94
C SER B 275 -4.85 11.36 0.22
N TYR B 276 -5.06 12.46 0.95
CA TYR B 276 -4.98 13.81 0.41
C TYR B 276 -4.33 14.71 1.46
N VAL B 277 -4.51 16.03 1.40
CA VAL B 277 -3.86 16.97 2.31
C VAL B 277 -4.39 16.73 3.72
N THR B 278 -3.60 17.12 4.70
CA THR B 278 -3.83 16.81 6.10
C THR B 278 -5.15 17.38 6.66
N ASN B 279 -5.51 18.56 6.28
CA ASN B 279 -6.77 19.05 7.00
C ASN B 279 -8.10 18.63 6.35
N ILE B 280 -8.04 17.82 5.29
CA ILE B 280 -9.15 17.81 4.35
C ILE B 280 -10.48 17.35 4.96
N MET B 281 -10.44 16.39 5.87
CA MET B 281 -11.66 15.88 6.47
C MET B 281 -12.37 17.02 7.24
N ASP B 282 -11.61 17.79 8.01
CA ASP B 282 -12.17 18.97 8.70
C ASP B 282 -12.78 19.97 7.73
N VAL B 283 -12.15 20.23 6.60
CA VAL B 283 -12.71 21.13 5.60
C VAL B 283 -14.02 20.59 5.06
N MET B 284 -14.06 19.31 4.70
CA MET B 284 -15.23 18.71 4.19
C MET B 284 -16.38 18.69 5.21
N ASP B 285 -16.04 18.38 6.44
CA ASP B 285 -17.02 18.41 7.51
C ASP B 285 -17.65 19.78 7.75
N SER B 286 -16.93 20.86 7.48
CA SER B 286 -17.44 22.17 7.72
C SER B 286 -18.41 22.59 6.61
N VAL B 287 -18.27 22.03 5.43
CA VAL B 287 -19.13 22.26 4.28
C VAL B 287 -20.42 21.44 4.38
N ASN B 288 -20.30 20.17 4.80
CA ASN B 288 -21.40 19.20 4.83
C ASN B 288 -21.43 18.42 6.15
N PRO B 289 -21.90 19.08 7.20
CA PRO B 289 -21.95 18.36 8.47
C PRO B 289 -22.92 17.17 8.47
N ASP B 290 -23.92 17.17 7.60
CA ASP B 290 -24.84 16.03 7.45
C ASP B 290 -24.16 14.78 6.92
N GLY B 291 -22.96 14.89 6.35
CA GLY B 291 -22.23 13.71 5.93
C GLY B 291 -23.04 12.92 4.91
N MET B 292 -23.23 11.64 5.23
CA MET B 292 -23.95 10.69 4.39
C MET B 292 -25.46 10.88 4.40
N ALA B 293 -25.97 11.64 5.38
CA ALA B 293 -27.37 11.99 5.44
C ALA B 293 -27.71 13.10 4.46
N PHE B 294 -26.72 13.64 3.74
CA PHE B 294 -27.01 14.74 2.78
C PHE B 294 -28.03 14.32 1.74
N ILE B 295 -27.89 13.11 1.17
CA ILE B 295 -28.85 12.67 0.17
C ILE B 295 -30.29 12.75 0.72
N PRO B 296 -30.61 12.02 1.83
CA PRO B 296 -31.99 12.01 2.31
C PRO B 296 -32.47 13.37 2.86
N LEU B 297 -31.58 14.13 3.52
CA LEU B 297 -32.02 15.34 4.21
C LEU B 297 -32.08 16.58 3.29
N ARG B 298 -31.25 16.61 2.26
CA ARG B 298 -31.12 17.78 1.39
C ARG B 298 -31.54 17.54 0.00
N VAL B 299 -31.10 16.43 -0.62
CA VAL B 299 -31.34 16.25 -2.06
C VAL B 299 -32.79 15.86 -2.29
N ILE B 300 -33.32 14.94 -1.46
CA ILE B 300 -34.69 14.50 -1.64
C ILE B 300 -35.70 15.66 -1.49
N PRO B 301 -35.62 16.47 -0.40
CA PRO B 301 -36.51 17.65 -0.36
C PRO B 301 -36.37 18.60 -1.52
N PHE B 302 -35.16 18.82 -1.97
CA PHE B 302 -34.91 19.72 -3.12
C PHE B 302 -35.61 19.20 -4.39
N LEU B 303 -35.53 17.90 -4.61
CA LEU B 303 -36.08 17.35 -5.86
C LEU B 303 -37.60 17.24 -5.74
N ARG B 304 -38.10 16.88 -4.57
CA ARG B 304 -39.56 16.85 -4.34
C ARG B 304 -40.17 18.21 -4.67
N GLU B 305 -39.54 19.30 -4.24
CA GLU B 305 -40.14 20.61 -4.53
C GLU B 305 -39.97 21.00 -5.97
N LYS B 306 -39.08 20.34 -6.69
CA LYS B 306 -39.06 20.43 -8.13
C LYS B 306 -40.10 19.57 -8.86
N GLY B 307 -40.90 18.80 -8.15
CA GLY B 307 -41.94 18.00 -8.77
C GLY B 307 -41.55 16.56 -8.99
N VAL B 308 -40.37 16.11 -8.55
CA VAL B 308 -40.07 14.69 -8.54
C VAL B 308 -40.90 14.05 -7.46
N SER B 309 -41.61 12.99 -7.81
CA SER B 309 -42.45 12.27 -6.87
C SER B 309 -41.68 11.49 -5.81
N GLN B 310 -42.33 11.29 -4.69
CA GLN B 310 -41.82 10.40 -3.66
C GLN B 310 -41.50 8.97 -4.18
N GLU B 311 -42.40 8.45 -4.97
CA GLU B 311 -42.30 7.12 -5.56
C GLU B 311 -41.09 6.99 -6.50
N THR B 312 -40.84 7.99 -7.34
CA THR B 312 -39.70 8.03 -8.19
C THR B 312 -38.39 8.04 -7.39
N LEU B 313 -38.36 8.82 -6.32
CA LEU B 313 -37.20 8.86 -5.43
C LEU B 313 -36.97 7.56 -4.66
N ALA B 314 -38.03 6.88 -4.21
CA ALA B 314 -37.90 5.55 -3.59
C ALA B 314 -37.45 4.57 -4.63
N GLY B 315 -37.92 4.71 -5.86
CA GLY B 315 -37.36 3.88 -6.93
C GLY B 315 -35.85 4.00 -7.10
N ILE B 316 -35.36 5.25 -7.11
CA ILE B 316 -33.94 5.52 -7.31
C ILE B 316 -33.11 5.05 -6.13
N THR B 317 -33.60 5.20 -4.91
CA THR B 317 -32.79 5.03 -3.70
C THR B 317 -32.98 3.66 -3.10
N VAL B 318 -34.05 2.94 -3.50
CA VAL B 318 -34.31 1.60 -2.97
C VAL B 318 -34.30 0.57 -4.11
N THR B 319 -35.16 0.72 -5.11
CA THR B 319 -35.24 -0.32 -6.14
C THR B 319 -34.03 -0.39 -7.03
N ASN B 320 -33.52 0.76 -7.45
CA ASN B 320 -32.40 0.76 -8.39
C ASN B 320 -31.11 0.08 -7.77
N PRO B 321 -30.81 0.40 -6.52
CA PRO B 321 -29.73 -0.30 -5.83
C PRO B 321 -29.94 -1.80 -5.61
N ALA B 322 -31.15 -2.19 -5.28
CA ALA B 322 -31.50 -3.59 -5.08
C ALA B 322 -31.23 -4.40 -6.37
N ARG B 323 -31.61 -3.85 -7.55
CA ARG B 323 -31.43 -4.55 -8.80
C ARG B 323 -29.95 -4.60 -9.14
N PHE B 324 -29.24 -3.52 -8.84
CA PHE B 324 -27.80 -3.44 -9.15
C PHE B 324 -26.99 -4.44 -8.31
N LEU B 325 -27.28 -4.45 -7.00
CA LEU B 325 -26.56 -5.27 -6.05
C LEU B 325 -26.93 -6.76 -6.02
N SER B 326 -28.17 -7.09 -6.36
N SER B 326 -28.18 -7.11 -6.29
CA SER B 326 -28.58 -8.48 -6.50
CA SER B 326 -28.58 -8.52 -6.31
C SER B 326 -27.63 -9.20 -7.45
C SER B 326 -27.74 -9.23 -7.36
N PRO B 327 -26.97 -10.28 -6.97
CA PRO B 327 -26.09 -10.95 -7.92
C PRO B 327 -26.96 -11.70 -8.99
N THR B 328 -26.53 -11.67 -10.23
CA THR B 328 -27.20 -12.32 -11.37
C THR B 328 -26.59 -13.70 -11.48
N LEU B 329 -27.10 -14.52 -12.39
CA LEU B 329 -26.53 -15.86 -12.53
C LEU B 329 -25.06 -15.74 -12.94
N ARG B 330 -24.28 -16.70 -12.49
CA ARG B 330 -22.88 -16.90 -12.94
C ARG B 330 -22.85 -17.30 -14.44
N ALA B 331 -21.74 -17.02 -15.16
CA ALA B 331 -21.70 -16.96 -16.66
C ALA B 331 -22.35 -18.11 -17.38
C FMT C . 15.90 -2.01 0.87
O1 FMT C . 15.60 -3.20 0.73
O2 FMT C . 16.48 -1.41 -0.11
ZN ZN D . 16.75 -4.87 0.29
ZN ZN E . 17.00 -1.75 -2.00
O42 TA8 F . 15.46 -2.73 -2.78
O41 TA8 F . 16.57 -4.27 -1.59
C4 TA8 F . 15.55 -3.84 -2.18
C41 TA8 F . 14.27 -4.76 -2.25
C32 TA8 F . 14.49 -6.30 -2.37
C3 TA8 F . 15.90 -5.94 -4.30
O31 TA8 F . 17.08 -5.48 -4.28
O32 TA8 F . 14.88 -5.76 -5.08
C22 TA8 F . 15.61 -8.22 -3.80
C31 TA8 F . 15.68 -6.81 -3.17
ZN ZN G . -41.21 11.95 -11.07
C FMT H . -14.08 5.24 -5.62
O1 FMT H . -14.15 5.86 -4.52
O2 FMT H . -13.90 5.96 -6.70
ZN ZN I . -15.37 7.31 -3.67
ZN ZN J . -13.47 7.89 -7.02
O42 TA8 K . -14.17 8.58 -4.62
O41 TA8 K . -12.15 8.64 -5.72
C4 TA8 K . -12.89 8.64 -4.66
C41 TA8 K . -12.08 8.75 -3.30
C32 TA8 K . -12.76 9.54 -2.14
C3 TA8 K . -12.98 11.52 -3.81
O31 TA8 K . -11.78 11.85 -3.78
O32 TA8 K . -13.82 11.77 -4.73
C22 TA8 K . -13.57 11.89 -1.43
C31 TA8 K . -13.50 10.84 -2.56
#